data_8ZIN
#
_entry.id   8ZIN
#
_cell.length_a   86.295
_cell.length_b   93.632
_cell.length_c   165.595
_cell.angle_alpha   90.000
_cell.angle_beta   90.000
_cell.angle_gamma   90.000
#
_symmetry.space_group_name_H-M   'P 2 21 21'
#
loop_
_entity.id
_entity.type
_entity.pdbx_description
1 polymer '4-hydroxythreonine-4-phosphate dehydrogenase'
2 non-polymer GLYCEROL
3 non-polymer 1,2-ETHANEDIOL
4 non-polymer '2,4-DIHYDROXYBENZOIC ACID'
5 non-polymer 'ZINC ION'
6 non-polymer 'CHLORIDE ION'
7 non-polymer 'CARBON DIOXIDE'
8 water water
#
_entity_poly.entity_id   1
_entity_poly.type   'polypeptide(L)'
_entity_poly.pdbx_seq_one_letter_code
;MGSSHHHHHHSSGLVPRGSHMTIVHRRLALAIGDPHGIGPEIALKALQQLSATERSLIKVYGPWSALEQAAQICQMESLL
QDLIHEEAGSLAQPVQCGEITPQAGLSTVQSATAAIRACESGEVDAVIACPHHETAIHRAGIAFSGYPSLLANVLGMNED
EVFLMLVGAGLRIVHVTLHESVRSALERLSPQLVINAVDAAVQTCTLLGVPKPQVAVFGINPHASEGQLFGLEDSQITVP
AVETLRKRGLTVDGPMGADMVLAQRKHDLYVAMLHDQGHIPIKLLAPNGASALSIGGRVVLSSVGHGSAMDIAGRGVADA
TALLRTIALLGAQPV
;
_entity_poly.pdbx_strand_id   A,B,C,D
#
# COMPACT_ATOMS: atom_id res chain seq x y z
N THR A 22 46.98 -8.72 -12.41
CA THR A 22 46.21 -7.87 -11.47
C THR A 22 45.36 -6.88 -12.25
N ILE A 23 44.04 -6.85 -11.98
CA ILE A 23 43.18 -5.92 -12.69
C ILE A 23 42.49 -4.92 -11.76
N VAL A 24 42.57 -5.16 -10.43
CA VAL A 24 41.90 -4.30 -9.47
C VAL A 24 42.92 -3.42 -8.74
N HIS A 25 42.87 -2.11 -9.00
CA HIS A 25 43.87 -1.19 -8.46
C HIS A 25 43.17 -0.10 -7.66
N ARG A 26 41.92 -0.31 -7.27
CA ARG A 26 41.21 0.61 -6.39
C ARG A 26 40.01 -0.11 -5.76
N ARG A 27 39.31 0.59 -4.86
CA ARG A 27 38.20 0.02 -4.12
C ARG A 27 36.92 0.14 -4.96
N LEU A 28 36.19 -0.97 -5.02
CA LEU A 28 35.01 -1.07 -5.86
C LEU A 28 33.84 -1.63 -5.04
N ALA A 29 32.63 -1.13 -5.33
CA ALA A 29 31.41 -1.73 -4.82
C ALA A 29 30.82 -2.62 -5.90
N LEU A 30 30.46 -3.85 -5.55
CA LEU A 30 29.84 -4.77 -6.50
C LEU A 30 28.45 -5.15 -6.02
N ALA A 31 27.42 -4.62 -6.68
CA ALA A 31 26.04 -4.90 -6.31
C ALA A 31 25.60 -6.11 -7.11
N ILE A 32 24.97 -7.10 -6.45
CA ILE A 32 24.88 -8.41 -7.09
C ILE A 32 23.65 -8.52 -7.97
N GLY A 33 22.93 -7.40 -8.12
CA GLY A 33 21.80 -7.36 -9.03
C GLY A 33 20.64 -8.22 -8.53
N ASP A 34 19.83 -8.71 -9.46
CA ASP A 34 18.67 -9.51 -9.11
C ASP A 34 19.14 -10.80 -8.44
N PRO A 35 18.75 -11.03 -7.17
CA PRO A 35 19.23 -12.18 -6.40
C PRO A 35 18.72 -13.51 -6.96
N HIS A 36 17.78 -13.43 -7.91
CA HIS A 36 17.17 -14.60 -8.52
C HIS A 36 17.83 -14.89 -9.86
N GLY A 37 18.50 -13.90 -10.46
CA GLY A 37 19.16 -14.13 -11.73
C GLY A 37 20.61 -14.61 -11.56
N ILE A 38 21.45 -14.33 -12.57
CA ILE A 38 22.79 -14.87 -12.62
C ILE A 38 23.78 -13.94 -11.94
N GLY A 39 23.32 -12.76 -11.50
CA GLY A 39 24.18 -11.80 -10.84
C GLY A 39 25.02 -12.42 -9.73
N PRO A 40 24.42 -13.01 -8.69
CA PRO A 40 25.19 -13.56 -7.58
C PRO A 40 26.25 -14.54 -8.08
N GLU A 41 25.85 -15.40 -9.04
CA GLU A 41 26.70 -16.44 -9.60
C GLU A 41 27.92 -15.84 -10.27
N ILE A 42 27.69 -14.86 -11.17
CA ILE A 42 28.80 -14.24 -11.86
C ILE A 42 29.62 -13.39 -10.88
N ALA A 43 28.98 -12.89 -9.81
CA ALA A 43 29.75 -12.15 -8.82
C ALA A 43 30.80 -13.08 -8.21
N LEU A 44 30.39 -14.29 -7.84
CA LEU A 44 31.31 -15.26 -7.25
C LEU A 44 32.41 -15.67 -8.22
N LYS A 45 32.02 -15.95 -9.48
CA LYS A 45 33.00 -16.47 -10.42
C LYS A 45 34.05 -15.40 -10.72
N ALA A 46 33.63 -14.13 -10.79
CA ALA A 46 34.57 -13.06 -11.04
C ALA A 46 35.56 -12.91 -9.88
N LEU A 47 35.03 -12.92 -8.65
CA LEU A 47 35.89 -12.76 -7.48
C LEU A 47 36.87 -13.94 -7.38
N GLN A 48 36.40 -15.13 -7.71
CA GLN A 48 37.22 -16.34 -7.76
C GLN A 48 38.50 -16.08 -8.56
N GLN A 49 38.38 -15.44 -9.72
CA GLN A 49 39.46 -15.29 -10.68
C GLN A 49 40.49 -14.27 -10.20
N LEU A 50 40.14 -13.45 -9.20
CA LEU A 50 41.09 -12.45 -8.71
C LEU A 50 41.99 -13.08 -7.63
N SER A 51 43.10 -12.42 -7.30
CA SER A 51 43.89 -12.80 -6.14
C SER A 51 43.12 -12.44 -4.87
N ALA A 52 43.63 -12.88 -3.72
CA ALA A 52 43.03 -12.54 -2.44
C ALA A 52 43.12 -11.02 -2.18
N THR A 53 44.28 -10.43 -2.50
CA THR A 53 44.49 -8.99 -2.34
C THR A 53 43.42 -8.21 -3.13
N GLU A 54 43.11 -8.69 -4.34
CA GLU A 54 42.17 -8.01 -5.20
C GLU A 54 40.76 -8.16 -4.65
N ARG A 55 40.46 -9.36 -4.12
CA ARG A 55 39.13 -9.62 -3.57
C ARG A 55 38.82 -8.63 -2.46
N SER A 56 39.84 -8.27 -1.68
CA SER A 56 39.62 -7.48 -0.48
C SER A 56 39.40 -6.00 -0.81
N LEU A 57 39.57 -5.66 -2.10
CA LEU A 57 39.28 -4.32 -2.61
C LEU A 57 37.87 -4.23 -3.17
N ILE A 58 37.18 -5.37 -3.31
CA ILE A 58 35.82 -5.36 -3.80
C ILE A 58 34.84 -5.67 -2.68
N LYS A 59 34.04 -4.67 -2.32
CA LYS A 59 32.99 -4.84 -1.31
C LYS A 59 31.67 -5.14 -2.02
N VAL A 60 31.03 -6.22 -1.57
CA VAL A 60 29.90 -6.83 -2.25
C VAL A 60 28.62 -6.40 -1.53
N TYR A 61 27.65 -5.91 -2.31
CA TYR A 61 26.38 -5.52 -1.72
C TYR A 61 25.27 -6.41 -2.25
N GLY A 62 24.53 -7.03 -1.33
CA GLY A 62 23.40 -7.88 -1.68
C GLY A 62 23.00 -8.78 -0.51
N PRO A 63 21.89 -9.56 -0.66
CA PRO A 63 21.47 -10.52 0.37
C PRO A 63 22.46 -11.66 0.46
N TRP A 64 22.97 -11.90 1.67
CA TRP A 64 23.82 -13.04 1.92
C TRP A 64 23.19 -14.33 1.37
N SER A 65 21.88 -14.51 1.56
CA SER A 65 21.19 -15.72 1.12
C SER A 65 21.42 -16.03 -0.37
N ALA A 66 21.45 -14.99 -1.22
CA ALA A 66 21.71 -15.17 -2.65
C ALA A 66 23.14 -15.60 -2.91
N LEU A 67 24.07 -15.09 -2.12
CA LEU A 67 25.46 -15.47 -2.29
C LEU A 67 25.65 -16.91 -1.80
N GLU A 68 24.92 -17.29 -0.75
CA GLU A 68 24.96 -18.64 -0.22
C GLU A 68 24.46 -19.64 -1.26
N GLN A 69 23.28 -19.35 -1.82
CA GLN A 69 22.72 -20.09 -2.94
C GLN A 69 23.74 -20.22 -4.08
N ALA A 70 24.24 -19.07 -4.55
CA ALA A 70 25.22 -19.05 -5.63
C ALA A 70 26.45 -19.89 -5.32
N ALA A 71 26.91 -19.89 -4.06
CA ALA A 71 28.12 -20.57 -3.66
C ALA A 71 27.96 -22.10 -3.77
N GLN A 72 26.78 -22.59 -3.35
CA GLN A 72 26.40 -23.99 -3.46
C GLN A 72 26.55 -24.42 -4.92
N ILE A 73 25.85 -23.71 -5.80
CA ILE A 73 25.79 -24.00 -7.23
C ILE A 73 27.18 -24.00 -7.87
N CYS A 74 28.02 -22.99 -7.56
CA CYS A 74 29.31 -22.80 -8.21
C CYS A 74 30.43 -23.56 -7.48
N GLN A 75 30.11 -24.16 -6.32
CA GLN A 75 31.05 -24.96 -5.54
C GLN A 75 32.20 -24.06 -5.08
N MET A 76 31.85 -22.92 -4.46
CA MET A 76 32.78 -21.86 -4.11
C MET A 76 32.49 -21.40 -2.69
N GLU A 77 32.09 -22.32 -1.82
CA GLU A 77 31.81 -22.01 -0.43
C GLU A 77 33.04 -21.39 0.21
N SER A 78 34.24 -21.87 -0.16
CA SER A 78 35.46 -21.42 0.52
C SER A 78 35.72 -19.95 0.24
N LEU A 79 35.00 -19.38 -0.72
CA LEU A 79 35.24 -18.00 -1.10
C LEU A 79 34.48 -17.03 -0.19
N LEU A 80 33.40 -17.51 0.45
CA LEU A 80 32.45 -16.68 1.17
C LEU A 80 33.06 -16.07 2.43
N GLN A 81 34.00 -16.78 3.07
CA GLN A 81 34.42 -16.37 4.41
C GLN A 81 35.37 -15.17 4.35
N ASP A 82 36.16 -15.10 3.27
CA ASP A 82 37.15 -14.04 3.13
C ASP A 82 36.60 -12.96 2.20
N LEU A 83 35.29 -12.79 2.22
CA LEU A 83 34.64 -11.86 1.30
C LEU A 83 34.22 -10.60 2.05
N ILE A 84 34.48 -9.45 1.46
CA ILE A 84 33.98 -8.22 2.07
C ILE A 84 32.54 -8.03 1.64
N HIS A 85 31.61 -8.09 2.61
CA HIS A 85 30.19 -8.10 2.29
C HIS A 85 29.43 -7.13 3.20
N GLU A 86 28.45 -6.43 2.63
CA GLU A 86 27.49 -5.68 3.41
C GLU A 86 26.12 -6.16 2.99
N GLU A 87 25.34 -6.69 3.94
CA GLU A 87 23.96 -7.09 3.71
C GLU A 87 23.20 -5.92 3.11
N ALA A 88 22.40 -6.20 2.08
CA ALA A 88 21.55 -5.21 1.43
C ALA A 88 20.53 -5.98 0.61
N GLY A 89 19.30 -5.48 0.51
CA GLY A 89 18.27 -6.14 -0.28
C GLY A 89 18.00 -7.55 0.23
N SER A 90 17.95 -7.65 1.55
CA SER A 90 17.61 -8.87 2.26
C SER A 90 16.25 -9.34 1.76
N LEU A 91 16.10 -10.66 1.67
CA LEU A 91 14.88 -11.31 1.26
C LEU A 91 14.16 -11.84 2.50
N ALA A 92 12.83 -11.89 2.42
CA ALA A 92 11.94 -12.28 3.50
C ALA A 92 11.53 -13.75 3.35
N GLN A 93 11.92 -14.36 2.23
CA GLN A 93 11.62 -15.74 1.91
C GLN A 93 12.83 -16.29 1.17
N PRO A 94 13.00 -17.63 1.02
CA PRO A 94 14.15 -18.17 0.31
C PRO A 94 14.32 -17.66 -1.12
N VAL A 95 15.55 -17.75 -1.63
CA VAL A 95 15.88 -17.49 -3.01
C VAL A 95 15.25 -18.57 -3.88
N GLN A 96 14.58 -18.13 -4.96
CA GLN A 96 14.03 -18.98 -6.01
C GLN A 96 14.70 -18.54 -7.29
N CYS A 97 15.72 -19.29 -7.72
CA CYS A 97 16.40 -19.01 -8.97
C CYS A 97 15.41 -19.06 -10.14
N GLY A 98 15.56 -18.12 -11.08
CA GLY A 98 14.79 -18.12 -12.32
C GLY A 98 13.43 -17.42 -12.22
N GLU A 99 13.01 -17.07 -10.98
CA GLU A 99 11.69 -16.49 -10.78
C GLU A 99 11.77 -14.98 -10.78
N ILE A 100 10.85 -14.35 -11.49
CA ILE A 100 10.69 -12.91 -11.49
C ILE A 100 9.74 -12.55 -10.36
N THR A 101 10.25 -11.96 -9.28
CA THR A 101 9.42 -11.60 -8.13
C THR A 101 9.62 -10.13 -7.76
N PRO A 102 8.54 -9.40 -7.33
CA PRO A 102 8.70 -8.04 -6.81
C PRO A 102 9.79 -7.92 -5.75
N GLN A 103 9.97 -8.98 -4.95
CA GLN A 103 10.94 -8.98 -3.86
C GLN A 103 12.36 -8.87 -4.40
N ALA A 104 12.62 -9.53 -5.52
CA ALA A 104 13.97 -9.60 -6.07
C ALA A 104 14.29 -8.28 -6.76
N GLY A 105 13.21 -7.65 -7.24
CA GLY A 105 13.24 -6.30 -7.79
C GLY A 105 13.67 -5.28 -6.74
N LEU A 106 13.03 -5.33 -5.57
CA LEU A 106 13.37 -4.45 -4.47
C LEU A 106 14.80 -4.70 -4.06
N SER A 107 15.17 -5.97 -3.93
CA SER A 107 16.51 -6.36 -3.53
C SER A 107 17.54 -5.68 -4.45
N THR A 108 17.32 -5.84 -5.77
CA THR A 108 18.23 -5.33 -6.79
C THR A 108 18.54 -3.87 -6.48
N VAL A 109 17.47 -3.09 -6.27
CA VAL A 109 17.53 -1.65 -6.18
C VAL A 109 18.14 -1.25 -4.83
N GLN A 110 17.82 -2.02 -3.81
CA GLN A 110 18.35 -1.82 -2.48
C GLN A 110 19.86 -2.01 -2.50
N SER A 111 20.29 -3.10 -3.15
CA SER A 111 21.71 -3.40 -3.30
C SER A 111 22.43 -2.31 -4.08
N ALA A 112 21.86 -1.90 -5.23
CA ALA A 112 22.56 -0.91 -6.03
C ALA A 112 22.59 0.42 -5.28
N THR A 113 21.52 0.75 -4.55
CA THR A 113 21.41 1.97 -3.78
C THR A 113 22.48 1.99 -2.69
N ALA A 114 22.73 0.83 -2.05
CA ALA A 114 23.75 0.78 -1.02
C ALA A 114 25.14 0.87 -1.64
N ALA A 115 25.32 0.34 -2.85
CA ALA A 115 26.63 0.42 -3.47
C ALA A 115 26.92 1.87 -3.85
N ILE A 116 25.92 2.53 -4.43
CA ILE A 116 26.00 3.92 -4.85
C ILE A 116 26.28 4.82 -3.65
N ARG A 117 25.62 4.56 -2.51
CA ARG A 117 25.75 5.41 -1.32
C ARG A 117 27.15 5.29 -0.76
N ALA A 118 27.73 4.09 -0.91
CA ALA A 118 29.08 3.81 -0.45
C ALA A 118 30.07 4.56 -1.35
N CYS A 119 29.71 4.79 -2.63
CA CYS A 119 30.61 5.50 -3.53
C CYS A 119 30.53 6.99 -3.23
N GLU A 120 29.29 7.47 -3.01
CA GLU A 120 29.01 8.87 -2.71
C GLU A 120 29.73 9.29 -1.44
N SER A 121 29.86 8.37 -0.47
CA SER A 121 30.43 8.69 0.82
C SER A 121 31.96 8.61 0.74
N GLY A 122 32.47 7.94 -0.31
CA GLY A 122 33.90 7.81 -0.51
C GLY A 122 34.46 6.46 -0.02
N GLU A 123 33.57 5.57 0.42
CA GLU A 123 33.99 4.27 0.88
C GLU A 123 34.55 3.43 -0.27
N VAL A 124 33.99 3.61 -1.47
CA VAL A 124 34.56 3.00 -2.68
C VAL A 124 34.72 4.09 -3.75
N ASP A 125 35.40 3.74 -4.84
CA ASP A 125 35.74 4.72 -5.86
C ASP A 125 34.88 4.55 -7.11
N ALA A 126 34.21 3.40 -7.25
CA ALA A 126 33.22 3.22 -8.30
C ALA A 126 32.33 2.04 -7.97
N VAL A 127 31.25 1.90 -8.74
CA VAL A 127 30.27 0.85 -8.54
C VAL A 127 30.15 0.01 -9.80
N ILE A 128 30.02 -1.31 -9.62
CA ILE A 128 29.57 -2.18 -10.69
C ILE A 128 28.24 -2.81 -10.25
N ALA A 129 27.22 -2.70 -11.10
CA ALA A 129 25.94 -3.39 -10.88
C ALA A 129 25.85 -4.65 -11.73
N CYS A 130 25.57 -5.78 -11.08
CA CYS A 130 25.27 -7.00 -11.79
C CYS A 130 23.85 -6.89 -12.34
N PRO A 131 23.45 -7.79 -13.26
CA PRO A 131 22.21 -7.59 -14.03
C PRO A 131 20.96 -7.54 -13.16
N HIS A 132 20.11 -6.57 -13.43
CA HIS A 132 18.84 -6.39 -12.77
C HIS A 132 17.81 -7.08 -13.66
N HIS A 133 16.53 -6.98 -13.29
CA HIS A 133 15.48 -7.43 -14.18
C HIS A 133 14.37 -6.39 -14.15
N GLU A 134 14.19 -5.67 -15.26
CA GLU A 134 13.28 -4.53 -15.33
C GLU A 134 11.90 -4.88 -14.80
N THR A 135 11.41 -6.06 -15.17
CA THR A 135 10.07 -6.49 -14.85
C THR A 135 9.92 -6.71 -13.34
N ALA A 136 10.97 -7.29 -12.73
CA ALA A 136 11.01 -7.53 -11.30
C ALA A 136 10.96 -6.21 -10.57
N ILE A 137 11.60 -5.17 -11.12
CA ILE A 137 11.67 -3.89 -10.43
C ILE A 137 10.33 -3.18 -10.59
N HIS A 138 9.77 -3.24 -11.81
CA HIS A 138 8.48 -2.62 -12.11
C HIS A 138 7.41 -3.25 -11.21
N ARG A 139 7.45 -4.58 -11.09
CA ARG A 139 6.43 -5.26 -10.33
C ARG A 139 6.54 -4.93 -8.83
N ALA A 140 7.66 -4.36 -8.39
CA ALA A 140 7.81 -3.93 -7.01
C ALA A 140 7.19 -2.55 -6.80
N GLY A 141 6.79 -1.87 -7.89
CA GLY A 141 6.23 -0.52 -7.79
C GLY A 141 7.29 0.58 -7.91
N ILE A 142 8.51 0.21 -8.29
CA ILE A 142 9.61 1.16 -8.39
C ILE A 142 9.79 1.58 -9.84
N ALA A 143 9.76 2.90 -10.05
CA ALA A 143 10.07 3.55 -11.31
C ALA A 143 11.56 3.35 -11.62
N PHE A 144 11.83 2.81 -12.81
CA PHE A 144 13.19 2.48 -13.22
C PHE A 144 13.28 2.56 -14.74
N SER A 145 14.21 3.37 -15.22
CA SER A 145 14.33 3.65 -16.65
C SER A 145 15.81 3.56 -17.03
N GLY A 146 16.62 3.08 -16.09
CA GLY A 146 18.05 2.98 -16.30
C GLY A 146 18.82 3.34 -15.03
N TYR A 147 20.12 3.08 -15.08
CA TYR A 147 21.01 3.40 -13.99
C TYR A 147 21.16 4.91 -13.88
N PRO A 148 21.19 5.68 -14.99
CA PRO A 148 21.17 7.14 -14.91
C PRO A 148 20.07 7.65 -13.99
N SER A 149 18.81 7.23 -14.21
CA SER A 149 17.68 7.58 -13.35
C SER A 149 17.97 7.20 -11.90
N LEU A 150 18.24 5.91 -11.67
CA LEU A 150 18.39 5.41 -10.31
C LEU A 150 19.43 6.23 -9.56
N LEU A 151 20.51 6.57 -10.27
CA LEU A 151 21.62 7.27 -9.67
C LEU A 151 21.19 8.69 -9.32
N ALA A 152 20.42 9.31 -10.22
CA ALA A 152 19.90 10.66 -10.05
C ALA A 152 19.06 10.74 -8.79
N ASN A 153 18.08 9.84 -8.69
CA ASN A 153 17.19 9.74 -7.55
C ASN A 153 18.00 9.65 -6.26
N VAL A 154 18.97 8.71 -6.25
CA VAL A 154 19.68 8.42 -5.01
C VAL A 154 20.50 9.63 -4.56
N LEU A 155 21.13 10.34 -5.51
CA LEU A 155 22.10 11.38 -5.18
C LEU A 155 21.43 12.73 -5.02
N GLY A 156 20.09 12.80 -5.20
CA GLY A 156 19.32 14.01 -5.07
C GLY A 156 19.62 15.01 -6.20
N MET A 157 19.77 14.47 -7.43
CA MET A 157 20.16 15.24 -8.60
C MET A 157 19.04 15.20 -9.63
N ASN A 158 19.02 16.20 -10.53
CA ASN A 158 18.18 16.15 -11.72
C ASN A 158 18.69 15.04 -12.64
N GLU A 159 17.74 14.37 -13.33
CA GLU A 159 18.04 13.18 -14.09
C GLU A 159 18.95 13.52 -15.28
N ASP A 160 18.93 14.81 -15.67
CA ASP A 160 19.75 15.27 -16.78
C ASP A 160 21.01 15.95 -16.27
N GLU A 161 21.48 15.60 -15.06
CA GLU A 161 22.85 15.88 -14.64
C GLU A 161 23.63 14.55 -14.52
N VAL A 162 22.96 13.46 -14.88
CA VAL A 162 23.62 12.16 -14.88
C VAL A 162 23.77 11.70 -16.33
N PHE A 163 24.98 11.27 -16.70
CA PHE A 163 25.26 11.03 -18.09
C PHE A 163 25.71 9.58 -18.28
N LEU A 164 25.49 9.06 -19.49
CA LEU A 164 25.96 7.74 -19.85
C LEU A 164 27.19 7.90 -20.72
N MET A 165 28.27 7.24 -20.32
CA MET A 165 29.45 7.12 -21.16
C MET A 165 29.61 5.65 -21.56
N LEU A 166 29.60 5.37 -22.87
CA LEU A 166 29.92 4.04 -23.36
C LEU A 166 31.44 3.93 -23.53
N VAL A 167 31.99 2.76 -23.17
CA VAL A 167 33.40 2.46 -23.34
C VAL A 167 33.54 1.10 -24.02
N GLY A 168 34.31 1.08 -25.13
CA GLY A 168 34.54 -0.12 -25.91
C GLY A 168 35.48 0.14 -27.08
N ALA A 169 36.41 -0.80 -27.32
CA ALA A 169 37.29 -0.78 -28.48
C ALA A 169 38.12 0.51 -28.50
N GLY A 170 38.51 0.98 -27.31
CA GLY A 170 39.30 2.19 -27.17
C GLY A 170 38.46 3.48 -27.26
N LEU A 171 37.18 3.37 -27.64
CA LEU A 171 36.31 4.54 -27.67
C LEU A 171 35.71 4.79 -26.30
N ARG A 172 35.78 6.05 -25.86
CA ARG A 172 34.99 6.53 -24.74
C ARG A 172 34.12 7.65 -25.25
N ILE A 173 32.78 7.51 -25.12
CA ILE A 173 31.83 8.50 -25.60
C ILE A 173 30.76 8.77 -24.55
N VAL A 174 30.70 10.01 -24.05
CA VAL A 174 29.67 10.47 -23.14
C VAL A 174 28.54 11.08 -23.98
N HIS A 175 27.30 10.95 -23.50
CA HIS A 175 26.14 11.40 -24.23
C HIS A 175 25.50 12.57 -23.49
N VAL A 176 25.28 13.69 -24.19
CA VAL A 176 24.63 14.83 -23.55
C VAL A 176 23.15 14.50 -23.33
N THR A 177 22.58 13.70 -24.21
CA THR A 177 21.21 13.20 -24.06
C THR A 177 21.20 11.70 -24.36
N LEU A 178 20.07 11.06 -24.06
CA LEU A 178 19.92 9.62 -24.09
C LEU A 178 18.44 9.28 -23.94
N HIS A 179 17.92 8.32 -24.68
CA HIS A 179 16.65 7.69 -24.28
C HIS A 179 15.52 8.72 -24.19
N GLU A 180 15.43 9.52 -25.25
CA GLU A 180 14.28 10.37 -25.51
C GLU A 180 14.25 10.56 -27.02
N SER A 181 13.17 11.17 -27.51
CA SER A 181 13.03 11.41 -28.92
C SER A 181 14.13 12.39 -29.34
N VAL A 182 14.52 12.27 -30.63
CA VAL A 182 15.50 13.18 -31.19
C VAL A 182 15.04 14.63 -30.95
N ARG A 183 13.76 14.91 -31.22
CA ARG A 183 13.16 16.23 -31.12
C ARG A 183 13.30 16.74 -29.69
N SER A 184 12.86 15.91 -28.75
CA SER A 184 12.92 16.18 -27.33
C SER A 184 14.37 16.44 -26.89
N ALA A 185 15.31 15.59 -27.33
CA ALA A 185 16.74 15.77 -27.08
C ALA A 185 17.22 17.15 -27.60
N LEU A 186 16.82 17.49 -28.83
CA LEU A 186 17.28 18.72 -29.45
C LEU A 186 16.74 19.92 -28.67
N GLU A 187 15.51 19.80 -28.16
CA GLU A 187 14.86 20.86 -27.41
C GLU A 187 15.57 21.07 -26.09
N ARG A 188 16.24 20.04 -25.56
CA ARG A 188 16.86 20.07 -24.25
C ARG A 188 18.29 20.63 -24.37
N LEU A 189 18.95 20.45 -25.53
CA LEU A 189 20.38 20.74 -25.61
C LEU A 189 20.64 22.23 -25.30
N SER A 190 21.61 22.49 -24.42
CA SER A 190 22.00 23.86 -24.10
C SER A 190 23.51 23.91 -23.93
N PRO A 191 24.16 25.10 -24.00
CA PRO A 191 25.59 25.19 -23.72
C PRO A 191 25.91 24.55 -22.38
N GLN A 192 25.10 24.84 -21.35
CA GLN A 192 25.35 24.36 -20.00
C GLN A 192 25.24 22.83 -19.92
N LEU A 193 24.34 22.22 -20.70
CA LEU A 193 24.16 20.78 -20.57
C LEU A 193 25.38 20.06 -21.16
N VAL A 194 25.90 20.59 -22.27
CA VAL A 194 27.10 20.04 -22.90
C VAL A 194 28.28 20.16 -21.93
N ILE A 195 28.37 21.29 -21.23
CA ILE A 195 29.46 21.55 -20.31
C ILE A 195 29.42 20.54 -19.15
N ASN A 196 28.21 20.28 -18.64
CA ASN A 196 28.07 19.36 -17.51
C ASN A 196 28.50 17.97 -17.96
N ALA A 197 28.17 17.60 -19.20
CA ALA A 197 28.48 16.27 -19.71
C ALA A 197 29.99 16.09 -19.78
N VAL A 198 30.68 17.14 -20.26
CA VAL A 198 32.12 17.06 -20.44
C VAL A 198 32.79 16.97 -19.08
N ASP A 199 32.46 17.90 -18.18
CA ASP A 199 32.95 17.89 -16.81
C ASP A 199 32.81 16.52 -16.17
N ALA A 200 31.61 15.95 -16.19
CA ALA A 200 31.34 14.66 -15.56
C ALA A 200 32.20 13.56 -16.20
N ALA A 201 32.36 13.64 -17.53
CA ALA A 201 33.11 12.66 -18.29
C ALA A 201 34.61 12.81 -18.08
N VAL A 202 35.07 14.04 -17.88
CA VAL A 202 36.49 14.32 -17.66
C VAL A 202 36.91 13.72 -16.31
N GLN A 203 36.10 13.96 -15.26
CA GLN A 203 36.33 13.34 -13.97
C GLN A 203 36.41 11.82 -14.13
N THR A 204 35.45 11.25 -14.86
CA THR A 204 35.38 9.82 -15.07
C THR A 204 36.65 9.33 -15.78
N CYS A 205 37.17 10.15 -16.70
CA CYS A 205 38.39 9.80 -17.41
C CYS A 205 39.55 9.55 -16.45
N THR A 206 39.64 10.38 -15.40
CA THR A 206 40.68 10.20 -14.38
C THR A 206 40.61 8.79 -13.82
N LEU A 207 39.40 8.36 -13.46
CA LEU A 207 39.17 7.05 -12.89
C LEU A 207 39.67 5.97 -13.85
N LEU A 208 39.38 6.14 -15.14
CA LEU A 208 39.66 5.10 -16.13
C LEU A 208 41.15 5.07 -16.47
N GLY A 209 41.92 6.01 -15.92
CA GLY A 209 43.37 6.03 -16.06
C GLY A 209 43.86 6.91 -17.22
N VAL A 210 43.11 8.00 -17.50
CA VAL A 210 43.51 9.03 -18.45
C VAL A 210 43.32 10.38 -17.76
N PRO A 211 44.26 10.87 -16.92
CA PRO A 211 43.99 12.03 -16.05
C PRO A 211 43.54 13.28 -16.81
N LYS A 212 44.25 13.57 -17.91
CA LYS A 212 44.09 14.82 -18.62
C LYS A 212 43.76 14.49 -20.08
N PRO A 213 42.50 14.12 -20.38
CA PRO A 213 42.15 13.61 -21.71
C PRO A 213 42.01 14.71 -22.77
N GLN A 214 42.27 14.32 -24.03
CA GLN A 214 42.00 15.14 -25.20
C GLN A 214 40.58 14.83 -25.70
N VAL A 215 39.74 15.87 -25.67
CA VAL A 215 38.30 15.74 -25.88
C VAL A 215 37.90 16.24 -27.28
N ALA A 216 36.96 15.53 -27.92
CA ALA A 216 36.30 16.00 -29.13
C ALA A 216 34.79 16.09 -28.91
N VAL A 217 34.21 17.25 -29.25
CA VAL A 217 32.77 17.43 -29.18
C VAL A 217 32.13 17.17 -30.55
N PHE A 218 31.12 16.29 -30.59
CA PHE A 218 30.39 16.05 -31.82
C PHE A 218 29.50 17.23 -32.16
N GLY A 219 29.25 17.45 -33.46
CA GLY A 219 28.26 18.39 -33.91
C GLY A 219 26.86 17.82 -33.80
N ILE A 220 25.90 18.67 -33.44
CA ILE A 220 24.49 18.31 -33.42
C ILE A 220 24.08 17.96 -34.84
N ASN A 221 24.38 18.87 -35.78
CA ASN A 221 24.01 18.71 -37.17
C ASN A 221 25.17 18.11 -37.95
N PRO A 222 24.90 17.48 -39.11
CA PRO A 222 25.96 17.02 -40.02
C PRO A 222 27.03 18.09 -40.21
N HIS A 223 28.31 17.67 -40.20
CA HIS A 223 29.45 18.55 -40.38
C HIS A 223 29.38 19.67 -39.35
N ALA A 224 28.79 19.39 -38.18
CA ALA A 224 28.69 20.39 -37.12
C ALA A 224 28.04 21.67 -37.67
N SER A 225 27.01 21.50 -38.49
CA SER A 225 26.24 22.61 -39.06
C SER A 225 26.94 23.25 -40.25
N GLU A 226 28.25 23.01 -40.39
CA GLU A 226 29.08 23.58 -41.44
C GLU A 226 28.92 25.11 -41.41
N GLY A 227 29.43 25.71 -40.33
CA GLY A 227 29.10 27.09 -40.02
C GLY A 227 27.68 27.21 -39.48
N GLN A 228 26.75 27.63 -40.36
CA GLN A 228 25.33 27.67 -40.04
C GLN A 228 24.52 27.16 -41.22
N LEU A 229 25.16 26.47 -42.15
CA LEU A 229 24.54 26.11 -43.40
C LEU A 229 23.53 24.97 -43.18
N PHE A 230 23.80 24.12 -42.18
CA PHE A 230 22.92 22.99 -41.91
C PHE A 230 22.32 23.11 -40.51
N GLY A 231 21.82 24.29 -40.16
CA GLY A 231 21.16 24.56 -38.90
C GLY A 231 21.94 25.57 -38.06
N LEU A 232 21.28 26.13 -37.04
CA LEU A 232 21.83 27.16 -36.16
C LEU A 232 22.27 26.53 -34.82
N GLU A 233 21.85 25.29 -34.60
CA GLU A 233 21.99 24.74 -33.26
C GLU A 233 23.46 24.75 -32.84
N ASP A 234 24.39 24.31 -33.71
CA ASP A 234 25.78 24.20 -33.32
C ASP A 234 26.35 25.57 -32.93
N SER A 235 26.05 26.61 -33.74
CA SER A 235 26.52 27.95 -33.41
C SER A 235 25.96 28.44 -32.08
N GLN A 236 24.81 27.90 -31.65
CA GLN A 236 24.20 28.35 -30.41
C GLN A 236 24.57 27.51 -29.20
N ILE A 237 25.03 26.28 -29.43
CA ILE A 237 25.10 25.26 -28.40
C ILE A 237 26.51 24.72 -28.23
N THR A 238 27.06 24.09 -29.27
CA THR A 238 28.31 23.36 -29.12
C THR A 238 29.47 24.35 -29.22
N VAL A 239 29.34 25.36 -30.07
CA VAL A 239 30.41 26.33 -30.28
C VAL A 239 30.65 27.15 -29.01
N PRO A 240 29.62 27.78 -28.39
CA PRO A 240 29.85 28.51 -27.14
C PRO A 240 30.41 27.60 -26.05
N ALA A 241 29.87 26.37 -25.93
CA ALA A 241 30.26 25.42 -24.90
C ALA A 241 31.74 25.04 -25.01
N VAL A 242 32.22 24.83 -26.24
CA VAL A 242 33.62 24.51 -26.49
C VAL A 242 34.48 25.69 -26.02
N GLU A 243 34.04 26.92 -26.37
CA GLU A 243 34.76 28.14 -26.02
C GLU A 243 34.93 28.21 -24.50
N THR A 244 33.82 27.99 -23.77
CA THR A 244 33.85 28.14 -22.33
C THR A 244 34.76 27.09 -21.71
N LEU A 245 34.80 25.89 -22.29
CA LEU A 245 35.58 24.79 -21.76
C LEU A 245 37.08 25.04 -22.00
N ARG A 246 37.45 25.54 -23.18
CA ARG A 246 38.84 25.92 -23.41
C ARG A 246 39.27 26.98 -22.40
N LYS A 247 38.41 28.00 -22.21
CA LYS A 247 38.68 29.09 -21.29
C LYS A 247 38.94 28.55 -19.88
N ARG A 248 38.16 27.54 -19.45
CA ARG A 248 38.34 26.92 -18.15
C ARG A 248 39.61 26.05 -18.11
N GLY A 249 40.22 25.81 -19.29
CA GLY A 249 41.56 25.23 -19.35
C GLY A 249 41.59 23.78 -19.85
N LEU A 250 40.54 23.37 -20.57
CA LEU A 250 40.42 22.00 -21.04
C LEU A 250 40.95 21.90 -22.47
N THR A 251 41.40 20.68 -22.86
CA THR A 251 41.91 20.40 -24.19
C THR A 251 40.78 19.82 -25.05
N VAL A 252 40.07 20.70 -25.78
CA VAL A 252 38.82 20.35 -26.47
C VAL A 252 38.90 20.78 -27.93
N ASP A 253 38.63 19.86 -28.86
CA ASP A 253 38.47 20.17 -30.26
C ASP A 253 36.99 20.09 -30.62
N GLY A 254 36.54 20.91 -31.59
CA GLY A 254 35.22 20.78 -32.20
C GLY A 254 34.36 22.03 -31.98
N PRO A 255 33.03 21.97 -32.24
CA PRO A 255 32.38 20.75 -32.72
C PRO A 255 32.76 20.38 -34.14
N MET A 256 32.70 19.08 -34.44
CA MET A 256 33.07 18.54 -35.75
C MET A 256 32.06 17.43 -36.04
N GLY A 257 31.78 17.20 -37.33
CA GLY A 257 31.00 16.06 -37.77
C GLY A 257 31.50 14.79 -37.08
N ALA A 258 30.59 14.09 -36.40
CA ALA A 258 30.93 12.96 -35.55
C ALA A 258 31.66 11.90 -36.38
N ASP A 259 31.16 11.68 -37.60
CA ASP A 259 31.73 10.72 -38.54
C ASP A 259 33.19 11.05 -38.82
N MET A 260 33.49 12.34 -38.88
CA MET A 260 34.81 12.80 -39.31
C MET A 260 35.79 12.67 -38.15
N VAL A 261 35.37 13.10 -36.94
CA VAL A 261 36.27 13.18 -35.79
C VAL A 261 36.56 11.78 -35.23
N LEU A 262 35.60 10.85 -35.31
CA LEU A 262 35.83 9.49 -34.87
C LEU A 262 36.88 8.81 -35.76
N ALA A 263 36.83 9.14 -37.05
CA ALA A 263 37.73 8.58 -38.05
C ALA A 263 39.19 8.91 -37.71
N GLN A 264 39.46 10.12 -37.20
CA GLN A 264 40.80 10.59 -36.88
C GLN A 264 41.41 9.74 -35.75
N ARG A 265 40.56 9.31 -34.80
CA ARG A 265 40.93 8.33 -33.78
C ARG A 265 42.13 8.84 -32.97
N LYS A 266 42.01 10.08 -32.46
CA LYS A 266 43.12 10.74 -31.78
C LYS A 266 42.61 11.49 -30.54
N HIS A 267 41.47 11.04 -29.99
CA HIS A 267 40.90 11.67 -28.80
C HIS A 267 40.66 10.62 -27.75
N ASP A 268 40.73 11.04 -26.48
CA ASP A 268 40.61 10.08 -25.40
C ASP A 268 39.16 10.03 -24.91
N LEU A 269 38.33 10.95 -25.40
CA LEU A 269 36.94 11.07 -24.99
C LEU A 269 36.18 11.85 -26.06
N TYR A 270 35.06 11.28 -26.52
CA TYR A 270 34.21 11.97 -27.47
C TYR A 270 32.92 12.36 -26.75
N VAL A 271 32.31 13.46 -27.19
CA VAL A 271 31.09 13.95 -26.57
C VAL A 271 29.99 13.88 -27.60
N ALA A 272 29.03 12.99 -27.41
CA ALA A 272 27.95 12.85 -28.39
C ALA A 272 26.73 13.66 -27.95
N MET A 273 26.07 14.29 -28.91
CA MET A 273 24.89 15.08 -28.62
C MET A 273 23.68 14.16 -28.46
N LEU A 274 23.67 13.05 -29.23
CA LEU A 274 22.51 12.20 -29.39
C LEU A 274 22.92 10.74 -29.22
N HIS A 275 22.01 9.96 -28.63
CA HIS A 275 22.17 8.54 -28.36
C HIS A 275 22.86 7.88 -29.56
N ASP A 276 22.25 7.93 -30.73
CA ASP A 276 22.72 7.12 -31.84
C ASP A 276 24.14 7.54 -32.23
N GLN A 277 24.50 8.81 -32.10
CA GLN A 277 25.85 9.23 -32.46
C GLN A 277 26.88 8.42 -31.71
N GLY A 278 26.65 8.17 -30.42
CA GLY A 278 27.62 7.46 -29.59
C GLY A 278 27.48 5.95 -29.72
N HIS A 279 26.25 5.46 -29.92
CA HIS A 279 25.91 4.05 -29.73
C HIS A 279 26.34 3.25 -30.96
N ILE A 280 26.18 3.86 -32.15
CA ILE A 280 26.50 3.18 -33.39
C ILE A 280 27.97 2.77 -33.44
N PRO A 281 28.93 3.71 -33.25
CA PRO A 281 30.34 3.37 -33.29
C PRO A 281 30.70 2.28 -32.28
N ILE A 282 30.26 2.45 -31.03
CA ILE A 282 30.59 1.53 -29.94
C ILE A 282 30.13 0.13 -30.30
N LYS A 283 28.89 -0.02 -30.78
CA LYS A 283 28.31 -1.33 -30.91
C LYS A 283 28.79 -2.00 -32.19
N LEU A 284 29.21 -1.19 -33.16
CA LEU A 284 29.77 -1.69 -34.40
C LEU A 284 31.17 -2.26 -34.16
N LEU A 285 31.99 -1.57 -33.37
CA LEU A 285 33.36 -1.94 -33.08
C LEU A 285 33.45 -2.89 -31.89
N ALA A 286 32.43 -2.94 -31.01
CA ALA A 286 32.49 -3.84 -29.87
C ALA A 286 31.09 -4.39 -29.60
N PRO A 287 30.49 -5.23 -30.48
CA PRO A 287 29.08 -5.63 -30.37
C PRO A 287 28.76 -6.53 -29.18
N ASN A 288 29.79 -6.97 -28.45
CA ASN A 288 29.59 -7.89 -27.34
C ASN A 288 30.24 -7.35 -26.06
N GLY A 289 31.24 -6.48 -26.23
CA GLY A 289 32.07 -6.02 -25.12
C GLY A 289 32.10 -4.50 -24.94
N ALA A 290 30.92 -3.92 -24.64
CA ALA A 290 30.86 -2.51 -24.25
C ALA A 290 30.47 -2.39 -22.78
N SER A 291 31.08 -1.42 -22.09
CA SER A 291 30.61 -1.05 -20.76
C SER A 291 29.83 0.25 -20.82
N ALA A 292 28.73 0.30 -20.06
CA ALA A 292 27.89 1.50 -19.95
C ALA A 292 28.06 2.09 -18.55
N LEU A 293 28.71 3.27 -18.48
CA LEU A 293 28.97 3.92 -17.21
C LEU A 293 27.98 5.05 -16.99
N SER A 294 27.25 4.99 -15.87
CA SER A 294 26.42 6.10 -15.41
C SER A 294 27.24 6.98 -14.47
N ILE A 295 27.30 8.27 -14.80
CA ILE A 295 28.22 9.19 -14.12
C ILE A 295 27.40 10.34 -13.55
N GLY A 296 27.50 10.52 -12.22
CA GLY A 296 26.74 11.50 -11.49
C GLY A 296 27.43 11.87 -10.18
N GLY A 297 27.60 13.17 -9.94
CA GLY A 297 28.47 13.64 -8.88
C GLY A 297 29.84 12.99 -9.05
N ARG A 298 30.29 12.33 -7.99
CA ARG A 298 31.57 11.64 -7.99
C ARG A 298 31.37 10.15 -8.24
N VAL A 299 30.13 9.72 -8.52
CA VAL A 299 29.82 8.30 -8.63
C VAL A 299 29.89 7.84 -10.07
N VAL A 300 30.64 6.75 -10.28
CA VAL A 300 30.66 6.05 -11.56
C VAL A 300 30.08 4.66 -11.33
N LEU A 301 28.96 4.37 -11.99
CA LEU A 301 28.34 3.05 -11.92
C LEU A 301 28.37 2.44 -13.30
N SER A 302 28.87 1.21 -13.42
CA SER A 302 28.87 0.49 -14.68
C SER A 302 27.98 -0.73 -14.57
N SER A 303 27.28 -1.05 -15.66
CA SER A 303 26.54 -2.30 -15.76
C SER A 303 27.47 -3.36 -16.32
N VAL A 304 26.94 -4.56 -16.49
CA VAL A 304 27.69 -5.66 -17.06
C VAL A 304 27.27 -5.85 -18.52
N GLY A 305 26.23 -5.14 -18.95
CA GLY A 305 25.81 -5.11 -20.35
C GLY A 305 25.35 -6.45 -20.93
N HIS A 306 24.83 -7.31 -20.06
CA HIS A 306 24.01 -8.44 -20.45
C HIS A 306 22.91 -8.59 -19.38
N GLY A 307 21.83 -9.29 -19.71
CA GLY A 307 20.65 -9.38 -18.87
C GLY A 307 20.84 -10.34 -17.69
N SER A 308 19.75 -10.60 -16.94
CA SER A 308 19.83 -11.38 -15.71
C SER A 308 19.74 -12.87 -16.01
N ALA A 309 19.46 -13.20 -17.28
CA ALA A 309 19.44 -14.57 -17.79
C ALA A 309 18.68 -15.51 -16.87
N MET A 310 17.40 -15.22 -16.63
CA MET A 310 16.59 -15.98 -15.69
C MET A 310 16.50 -17.45 -16.11
N ASP A 311 16.56 -17.70 -17.42
CA ASP A 311 16.41 -19.02 -18.00
C ASP A 311 17.50 -20.00 -17.53
N ILE A 312 18.69 -19.48 -17.15
CA ILE A 312 19.81 -20.33 -16.79
C ILE A 312 20.21 -20.17 -15.32
N ALA A 313 19.44 -19.34 -14.60
CA ALA A 313 19.83 -19.02 -13.23
C ALA A 313 19.58 -20.27 -12.39
N GLY A 314 20.63 -20.66 -11.67
CA GLY A 314 20.62 -21.89 -10.90
C GLY A 314 21.56 -22.93 -11.51
N ARG A 315 21.94 -22.74 -12.79
CA ARG A 315 22.52 -23.87 -13.52
C ARG A 315 24.03 -23.76 -13.58
N GLY A 316 24.58 -22.62 -13.13
CA GLY A 316 26.01 -22.50 -12.89
C GLY A 316 26.81 -22.44 -14.18
N VAL A 317 26.19 -21.94 -15.25
CA VAL A 317 26.78 -21.99 -16.58
C VAL A 317 26.92 -20.58 -17.16
N ALA A 318 26.82 -19.53 -16.33
CA ALA A 318 26.93 -18.16 -16.83
C ALA A 318 28.38 -17.68 -16.77
N ASP A 319 28.81 -17.02 -17.84
CA ASP A 319 30.17 -16.54 -18.03
C ASP A 319 30.36 -15.19 -17.33
N ALA A 320 31.45 -15.07 -16.56
CA ALA A 320 31.73 -13.87 -15.77
C ALA A 320 32.63 -12.90 -16.53
N THR A 321 32.92 -13.24 -17.81
CA THR A 321 33.86 -12.47 -18.62
C THR A 321 33.45 -11.00 -18.67
N ALA A 322 32.18 -10.72 -18.94
CA ALA A 322 31.74 -9.35 -19.08
C ALA A 322 31.91 -8.59 -17.76
N LEU A 323 31.59 -9.25 -16.63
CA LEU A 323 31.83 -8.68 -15.32
C LEU A 323 33.33 -8.43 -15.11
N LEU A 324 34.17 -9.45 -15.35
CA LEU A 324 35.60 -9.29 -15.15
C LEU A 324 36.12 -8.10 -15.96
N ARG A 325 35.62 -7.93 -17.20
CA ARG A 325 36.09 -6.87 -18.07
C ARG A 325 35.69 -5.51 -17.49
N THR A 326 34.50 -5.46 -16.86
CA THR A 326 33.96 -4.25 -16.26
C THR A 326 34.81 -3.87 -15.04
N ILE A 327 35.21 -4.90 -14.30
CA ILE A 327 36.08 -4.75 -13.16
C ILE A 327 37.43 -4.20 -13.63
N ALA A 328 38.02 -4.80 -14.68
CA ALA A 328 39.28 -4.35 -15.25
C ALA A 328 39.21 -2.88 -15.63
N LEU A 329 38.06 -2.47 -16.19
CA LEU A 329 37.86 -1.14 -16.71
C LEU A 329 37.83 -0.12 -15.57
N LEU A 330 36.92 -0.31 -14.61
CA LEU A 330 36.77 0.63 -13.51
C LEU A 330 37.89 0.43 -12.48
N GLY A 331 38.66 -0.66 -12.59
CA GLY A 331 39.68 -0.91 -11.57
C GLY A 331 41.09 -0.54 -12.01
N ALA A 332 41.21 0.24 -13.09
CA ALA A 332 42.45 0.49 -13.82
C ALA A 332 43.40 1.36 -13.00
N GLN A 333 44.67 1.32 -13.44
CA GLN A 333 45.86 1.69 -12.70
C GLN A 333 45.90 3.17 -12.30
N PRO A 334 46.29 4.13 -13.18
CA PRO A 334 46.67 5.47 -12.72
C PRO A 334 45.54 6.26 -12.04
N THR B 22 0.58 19.29 -22.66
CA THR B 22 0.55 18.13 -23.60
C THR B 22 -0.14 16.93 -22.95
N ILE B 23 -1.29 16.53 -23.51
CA ILE B 23 -2.07 15.44 -22.94
C ILE B 23 -2.24 14.30 -23.94
N VAL B 24 -1.90 14.52 -25.22
CA VAL B 24 -2.05 13.49 -26.24
C VAL B 24 -0.69 12.90 -26.61
N HIS B 25 -0.45 11.64 -26.24
CA HIS B 25 0.87 11.04 -26.36
C HIS B 25 0.81 9.77 -27.21
N ARG B 26 -0.28 9.62 -27.99
CA ARG B 26 -0.35 8.60 -29.01
C ARG B 26 -1.39 9.01 -30.06
N ARG B 27 -1.61 8.16 -31.07
CA ARG B 27 -2.52 8.52 -32.15
C ARG B 27 -3.92 8.08 -31.76
N LEU B 28 -4.89 8.97 -31.96
CA LEU B 28 -6.27 8.63 -31.64
C LEU B 28 -7.15 8.78 -32.89
N ALA B 29 -8.13 7.88 -33.02
CA ALA B 29 -9.22 8.08 -33.96
C ALA B 29 -10.41 8.63 -33.20
N LEU B 30 -11.00 9.71 -33.74
CA LEU B 30 -12.13 10.33 -33.07
C LEU B 30 -13.34 10.27 -34.01
N ALA B 31 -14.31 9.41 -33.71
CA ALA B 31 -15.53 9.32 -34.48
C ALA B 31 -16.51 10.34 -33.92
N ILE B 32 -17.14 11.13 -34.79
CA ILE B 32 -17.91 12.28 -34.32
C ILE B 32 -19.33 11.86 -33.91
N GLY B 33 -19.65 10.55 -33.97
CA GLY B 33 -20.95 10.08 -33.53
C GLY B 33 -22.11 10.57 -34.40
N ASP B 34 -23.29 10.73 -33.80
CA ASP B 34 -24.46 11.17 -34.54
C ASP B 34 -24.22 12.57 -35.09
N PRO B 35 -24.23 12.76 -36.42
CA PRO B 35 -23.89 14.06 -37.02
C PRO B 35 -24.93 15.14 -36.74
N HIS B 36 -26.07 14.72 -36.16
CA HIS B 36 -27.16 15.61 -35.82
C HIS B 36 -27.08 15.99 -34.34
N GLY B 37 -26.35 15.22 -33.54
CA GLY B 37 -26.17 15.56 -32.14
C GLY B 37 -24.98 16.48 -31.92
N ILE B 38 -24.42 16.41 -30.72
CA ILE B 38 -23.40 17.36 -30.28
C ILE B 38 -22.00 16.88 -30.69
N GLY B 39 -21.89 15.64 -31.20
CA GLY B 39 -20.61 15.02 -31.48
C GLY B 39 -19.70 15.92 -32.31
N PRO B 40 -20.12 16.33 -33.53
CA PRO B 40 -19.24 17.15 -34.38
C PRO B 40 -18.73 18.39 -33.64
N GLU B 41 -19.65 19.03 -32.92
CA GLU B 41 -19.41 20.27 -32.22
C GLU B 41 -18.35 20.05 -31.13
N ILE B 42 -18.55 19.04 -30.29
CA ILE B 42 -17.60 18.77 -29.23
C ILE B 42 -16.28 18.25 -29.81
N ALA B 43 -16.34 17.61 -30.99
CA ALA B 43 -15.10 17.19 -31.62
C ALA B 43 -14.24 18.43 -31.90
N LEU B 44 -14.86 19.46 -32.49
CA LEU B 44 -14.17 20.70 -32.83
C LEU B 44 -13.64 21.39 -31.57
N LYS B 45 -14.49 21.49 -30.54
CA LYS B 45 -14.14 22.27 -29.37
C LYS B 45 -12.98 21.61 -28.63
N ALA B 46 -12.96 20.27 -28.61
CA ALA B 46 -11.88 19.57 -27.95
C ALA B 46 -10.57 19.79 -28.70
N LEU B 47 -10.60 19.67 -30.02
CA LEU B 47 -9.39 19.85 -30.82
C LEU B 47 -8.86 21.28 -30.69
N GLN B 48 -9.79 22.25 -30.64
CA GLN B 48 -9.47 23.65 -30.41
C GLN B 48 -8.53 23.79 -29.20
N GLN B 49 -8.86 23.09 -28.09
CA GLN B 49 -8.18 23.30 -26.83
C GLN B 49 -6.79 22.67 -26.81
N LEU B 50 -6.48 21.81 -27.79
CA LEU B 50 -5.18 21.18 -27.85
C LEU B 50 -4.20 22.08 -28.62
N SER B 51 -2.90 21.79 -28.52
CA SER B 51 -1.91 22.44 -29.36
C SER B 51 -2.03 21.88 -30.77
N ALA B 52 -1.28 22.48 -31.72
CA ALA B 52 -1.25 21.99 -33.10
C ALA B 52 -0.62 20.60 -33.15
N THR B 53 0.47 20.38 -32.40
CA THR B 53 1.12 19.08 -32.30
C THR B 53 0.11 18.01 -31.90
N GLU B 54 -0.75 18.35 -30.93
CA GLU B 54 -1.71 17.39 -30.41
C GLU B 54 -2.80 17.11 -31.43
N ARG B 55 -3.22 18.16 -32.15
CA ARG B 55 -4.26 18.03 -33.16
C ARG B 55 -3.84 17.02 -34.22
N SER B 56 -2.54 16.99 -34.53
CA SER B 56 -2.06 16.18 -35.65
C SER B 56 -1.93 14.71 -35.27
N LEU B 57 -2.19 14.42 -33.98
CA LEU B 57 -2.24 13.05 -33.48
C LEU B 57 -3.67 12.49 -33.52
N ILE B 58 -4.66 13.37 -33.73
CA ILE B 58 -6.04 12.93 -33.69
C ILE B 58 -6.64 12.97 -35.09
N LYS B 59 -6.97 11.79 -35.61
CA LYS B 59 -7.63 11.67 -36.90
C LYS B 59 -9.13 11.53 -36.69
N VAL B 60 -9.89 12.39 -37.38
CA VAL B 60 -11.32 12.56 -37.16
C VAL B 60 -12.11 11.78 -38.21
N TYR B 61 -13.06 10.97 -37.77
CA TYR B 61 -13.90 10.20 -38.70
C TYR B 61 -15.34 10.68 -38.62
N GLY B 62 -15.89 11.04 -39.79
CA GLY B 62 -17.26 11.50 -39.90
C GLY B 62 -17.52 12.24 -41.22
N PRO B 63 -18.78 12.62 -41.50
CA PRO B 63 -19.10 13.41 -42.71
C PRO B 63 -18.49 14.79 -42.58
N TRP B 64 -17.72 15.19 -43.59
CA TRP B 64 -17.17 16.52 -43.64
C TRP B 64 -18.30 17.53 -43.50
N SER B 65 -19.45 17.29 -44.17
CA SER B 65 -20.57 18.22 -44.13
C SER B 65 -21.00 18.58 -42.70
N ALA B 66 -21.01 17.59 -41.79
CA ALA B 66 -21.39 17.82 -40.40
C ALA B 66 -20.35 18.66 -39.67
N LEU B 67 -19.08 18.43 -40.00
CA LEU B 67 -18.01 19.20 -39.36
C LEU B 67 -18.05 20.64 -39.88
N GLU B 68 -18.38 20.80 -41.17
CA GLU B 68 -18.49 22.10 -41.80
C GLU B 68 -19.62 22.89 -41.15
N GLN B 69 -20.80 22.27 -41.05
CA GLN B 69 -21.96 22.79 -40.34
C GLN B 69 -21.55 23.22 -38.93
N ALA B 70 -20.96 22.31 -38.14
CA ALA B 70 -20.55 22.59 -36.77
C ALA B 70 -19.62 23.81 -36.72
N ALA B 71 -18.69 23.87 -37.68
CA ALA B 71 -17.64 24.88 -37.68
C ALA B 71 -18.21 26.27 -37.95
N GLN B 72 -19.17 26.31 -38.88
CA GLN B 72 -19.90 27.52 -39.26
C GLN B 72 -20.53 28.11 -38.00
N ILE B 73 -21.34 27.28 -37.32
CA ILE B 73 -22.08 27.65 -36.12
C ILE B 73 -21.15 28.18 -35.02
N CYS B 74 -20.04 27.47 -34.75
CA CYS B 74 -19.14 27.78 -33.65
C CYS B 74 -18.07 28.81 -34.04
N GLN B 75 -18.01 29.15 -35.34
CA GLN B 75 -17.12 30.17 -35.87
C GLN B 75 -15.68 29.74 -35.68
N MET B 76 -15.37 28.53 -36.17
CA MET B 76 -14.09 27.88 -35.97
C MET B 76 -13.51 27.37 -37.30
N GLU B 77 -13.89 28.02 -38.42
CA GLU B 77 -13.61 27.48 -39.74
C GLU B 77 -12.12 27.17 -39.91
N SER B 78 -11.24 28.06 -39.42
CA SER B 78 -9.82 27.93 -39.73
C SER B 78 -9.23 26.68 -39.08
N LEU B 79 -9.99 26.07 -38.15
CA LEU B 79 -9.49 24.90 -37.44
C LEU B 79 -9.65 23.63 -38.30
N LEU B 80 -10.60 23.65 -39.25
CA LEU B 80 -10.88 22.54 -40.14
C LEU B 80 -9.73 22.27 -41.10
N GLN B 81 -8.93 23.30 -41.42
CA GLN B 81 -7.81 23.17 -42.33
C GLN B 81 -6.67 22.38 -41.68
N ASP B 82 -6.56 22.45 -40.34
CA ASP B 82 -5.45 21.86 -39.62
C ASP B 82 -5.82 20.46 -39.11
N LEU B 83 -6.89 19.89 -39.68
CA LEU B 83 -7.49 18.70 -39.13
C LEU B 83 -7.14 17.51 -40.01
N ILE B 84 -6.70 16.43 -39.36
CA ILE B 84 -6.61 15.16 -40.07
C ILE B 84 -8.01 14.56 -40.08
N HIS B 85 -8.55 14.38 -41.29
CA HIS B 85 -9.93 13.93 -41.45
C HIS B 85 -10.02 12.80 -42.48
N GLU B 86 -10.85 11.78 -42.20
CA GLU B 86 -11.22 10.82 -43.20
C GLU B 86 -12.74 10.80 -43.27
N GLU B 87 -13.28 11.06 -44.47
CA GLU B 87 -14.70 10.97 -44.73
C GLU B 87 -15.24 9.60 -44.30
N ALA B 88 -16.37 9.61 -43.62
CA ALA B 88 -17.09 8.41 -43.23
C ALA B 88 -18.50 8.83 -42.85
N GLY B 89 -19.49 8.01 -43.19
CA GLY B 89 -20.85 8.30 -42.80
C GLY B 89 -21.34 9.58 -43.47
N SER B 90 -20.98 9.71 -44.76
CA SER B 90 -21.44 10.79 -45.61
C SER B 90 -22.94 10.92 -45.54
N LEU B 91 -23.43 12.17 -45.50
CA LEU B 91 -24.85 12.45 -45.43
C LEU B 91 -25.36 12.84 -46.81
N ALA B 92 -26.64 12.57 -47.06
CA ALA B 92 -27.26 12.72 -48.37
C ALA B 92 -28.04 14.03 -48.45
N GLN B 93 -28.15 14.74 -47.31
CA GLN B 93 -28.94 15.95 -47.23
C GLN B 93 -28.23 16.89 -46.25
N PRO B 94 -28.59 18.19 -46.16
CA PRO B 94 -28.04 19.06 -45.12
C PRO B 94 -28.24 18.54 -43.70
N VAL B 95 -27.41 19.07 -42.79
CA VAL B 95 -27.43 18.70 -41.38
C VAL B 95 -28.65 19.36 -40.75
N GLN B 96 -29.42 18.57 -39.99
CA GLN B 96 -30.56 19.05 -39.22
C GLN B 96 -30.29 18.73 -37.75
N CYS B 97 -29.82 19.73 -37.00
CA CYS B 97 -29.49 19.53 -35.60
C CYS B 97 -30.74 19.13 -34.82
N GLY B 98 -30.60 18.19 -33.88
CA GLY B 98 -31.69 17.81 -32.98
C GLY B 98 -32.60 16.71 -33.53
N GLU B 99 -32.55 16.46 -34.84
CA GLU B 99 -33.54 15.61 -35.49
C GLU B 99 -32.99 14.18 -35.61
N ILE B 100 -33.84 13.23 -35.25
CA ILE B 100 -33.52 11.82 -35.25
C ILE B 100 -33.84 11.29 -36.65
N THR B 101 -32.80 10.95 -37.44
CA THR B 101 -33.04 10.45 -38.78
C THR B 101 -32.30 9.13 -39.01
N PRO B 102 -32.89 8.15 -39.73
CA PRO B 102 -32.18 6.92 -40.09
C PRO B 102 -30.79 7.20 -40.69
N GLN B 103 -30.68 8.30 -41.44
CA GLN B 103 -29.45 8.65 -42.14
C GLN B 103 -28.34 8.93 -41.14
N ALA B 104 -28.68 9.61 -40.03
CA ALA B 104 -27.70 10.04 -39.04
C ALA B 104 -27.26 8.83 -38.23
N GLY B 105 -28.18 7.88 -38.12
CA GLY B 105 -27.91 6.58 -37.51
C GLY B 105 -26.87 5.78 -38.28
N LEU B 106 -27.07 5.70 -39.61
CA LEU B 106 -26.12 5.00 -40.46
C LEU B 106 -24.77 5.72 -40.40
N SER B 107 -24.81 7.05 -40.46
CA SER B 107 -23.60 7.85 -40.38
C SER B 107 -22.80 7.48 -39.14
N THR B 108 -23.48 7.50 -37.98
CA THR B 108 -22.88 7.23 -36.69
C THR B 108 -22.04 5.97 -36.78
N VAL B 109 -22.66 4.91 -37.29
CA VAL B 109 -22.13 3.56 -37.28
C VAL B 109 -21.00 3.47 -38.30
N GLN B 110 -21.18 4.15 -39.44
CA GLN B 110 -20.18 4.18 -40.48
C GLN B 110 -18.93 4.87 -39.95
N SER B 111 -19.11 6.01 -39.26
CA SER B 111 -18.00 6.73 -38.64
C SER B 111 -17.27 5.86 -37.61
N ALA B 112 -18.03 5.24 -36.71
CA ALA B 112 -17.37 4.49 -35.66
C ALA B 112 -16.67 3.27 -36.27
N THR B 113 -17.29 2.68 -37.29
CA THR B 113 -16.73 1.53 -38.01
C THR B 113 -15.40 1.92 -38.66
N ALA B 114 -15.32 3.11 -39.25
CA ALA B 114 -14.09 3.53 -39.89
C ALA B 114 -13.03 3.86 -38.83
N ALA B 115 -13.45 4.36 -37.67
CA ALA B 115 -12.46 4.66 -36.65
C ALA B 115 -11.87 3.36 -36.11
N ILE B 116 -12.76 2.39 -35.86
CA ILE B 116 -12.41 1.07 -35.36
C ILE B 116 -11.45 0.39 -36.34
N ARG B 117 -11.74 0.49 -37.65
CA ARG B 117 -10.98 -0.22 -38.68
C ARG B 117 -9.58 0.38 -38.75
N ALA B 118 -9.49 1.69 -38.50
CA ALA B 118 -8.22 2.38 -38.51
C ALA B 118 -7.38 1.95 -37.31
N CYS B 119 -8.04 1.57 -36.21
CA CYS B 119 -7.31 1.11 -35.03
C CYS B 119 -6.83 -0.32 -35.26
N GLU B 120 -7.72 -1.13 -35.85
CA GLU B 120 -7.46 -2.53 -36.14
C GLU B 120 -6.28 -2.66 -37.11
N SER B 121 -6.13 -1.71 -38.03
CA SER B 121 -5.11 -1.76 -39.05
C SER B 121 -3.79 -1.24 -38.48
N GLY B 122 -3.87 -0.52 -37.37
CA GLY B 122 -2.68 0.03 -36.72
C GLY B 122 -2.44 1.51 -37.08
N GLU B 123 -3.37 2.11 -37.83
CA GLU B 123 -3.21 3.51 -38.20
C GLU B 123 -3.34 4.41 -36.97
N VAL B 124 -4.20 4.03 -36.01
CA VAL B 124 -4.27 4.73 -34.73
C VAL B 124 -4.18 3.71 -33.60
N ASP B 125 -4.06 4.21 -32.36
CA ASP B 125 -3.71 3.35 -31.24
C ASP B 125 -4.91 3.10 -30.34
N ALA B 126 -5.94 3.96 -30.46
CA ALA B 126 -7.20 3.78 -29.77
C ALA B 126 -8.28 4.64 -30.44
N VAL B 127 -9.53 4.36 -30.06
CA VAL B 127 -10.67 5.02 -30.66
C VAL B 127 -11.49 5.71 -29.57
N ILE B 128 -11.97 6.91 -29.89
CA ILE B 128 -12.99 7.55 -29.09
C ILE B 128 -14.22 7.74 -29.98
N ALA B 129 -15.39 7.26 -29.52
CA ALA B 129 -16.64 7.51 -30.22
C ALA B 129 -17.44 8.59 -29.51
N CYS B 130 -17.81 9.64 -30.26
CA CYS B 130 -18.70 10.65 -29.72
C CYS B 130 -20.12 10.08 -29.71
N PRO B 131 -21.07 10.76 -29.03
CA PRO B 131 -22.32 10.10 -28.65
C PRO B 131 -23.19 9.70 -29.85
N HIS B 132 -23.70 8.46 -29.77
CA HIS B 132 -24.61 7.94 -30.79
C HIS B 132 -26.03 8.24 -30.34
N HIS B 133 -27.02 7.83 -31.14
CA HIS B 133 -28.41 7.89 -30.73
C HIS B 133 -29.09 6.59 -31.13
N GLU B 134 -29.46 5.79 -30.12
CA GLU B 134 -29.92 4.42 -30.32
C GLU B 134 -31.07 4.39 -31.32
N THR B 135 -31.98 5.37 -31.22
CA THR B 135 -33.18 5.40 -32.00
C THR B 135 -32.86 5.63 -33.47
N ALA B 136 -31.88 6.53 -33.71
CA ALA B 136 -31.41 6.86 -35.04
C ALA B 136 -30.83 5.62 -35.70
N ILE B 137 -30.13 4.80 -34.90
CA ILE B 137 -29.46 3.64 -35.46
C ILE B 137 -30.49 2.55 -35.74
N HIS B 138 -31.42 2.36 -34.79
CA HIS B 138 -32.47 1.36 -34.92
C HIS B 138 -33.31 1.69 -36.16
N ARG B 139 -33.65 2.98 -36.33
CA ARG B 139 -34.50 3.37 -37.44
C ARG B 139 -33.80 3.17 -38.78
N ALA B 140 -32.47 3.01 -38.77
CA ALA B 140 -31.75 2.72 -40.00
C ALA B 140 -31.79 1.23 -40.34
N GLY B 141 -32.33 0.40 -39.42
CA GLY B 141 -32.40 -1.04 -39.63
C GLY B 141 -31.17 -1.78 -39.12
N ILE B 142 -30.33 -1.09 -38.34
CA ILE B 142 -29.11 -1.69 -37.83
C ILE B 142 -29.34 -2.14 -36.39
N ALA B 143 -29.04 -3.42 -36.16
CA ALA B 143 -28.99 -4.00 -34.82
C ALA B 143 -27.77 -3.43 -34.10
N PHE B 144 -28.00 -2.91 -32.89
CA PHE B 144 -26.99 -2.25 -32.08
C PHE B 144 -27.41 -2.36 -30.61
N SER B 145 -26.49 -2.83 -29.77
CA SER B 145 -26.80 -3.09 -28.38
C SER B 145 -25.72 -2.52 -27.48
N GLY B 146 -24.82 -1.73 -28.08
CA GLY B 146 -23.69 -1.15 -27.37
C GLY B 146 -22.40 -1.19 -28.17
N TYR B 147 -21.36 -0.52 -27.65
CA TYR B 147 -20.06 -0.49 -28.30
C TYR B 147 -19.42 -1.87 -28.31
N PRO B 148 -19.51 -2.67 -27.21
CA PRO B 148 -19.05 -4.05 -27.21
C PRO B 148 -19.53 -4.83 -28.43
N SER B 149 -20.85 -4.85 -28.68
CA SER B 149 -21.41 -5.49 -29.87
C SER B 149 -20.80 -4.92 -31.14
N LEU B 150 -20.90 -3.60 -31.33
CA LEU B 150 -20.48 -2.99 -32.59
C LEU B 150 -19.04 -3.39 -32.88
N LEU B 151 -18.21 -3.40 -31.84
CA LEU B 151 -16.79 -3.67 -31.97
C LEU B 151 -16.61 -5.14 -32.37
N ALA B 152 -17.38 -6.02 -31.73
CA ALA B 152 -17.34 -7.45 -31.95
C ALA B 152 -17.63 -7.76 -33.41
N ASN B 153 -18.77 -7.24 -33.89
CA ASN B 153 -19.20 -7.47 -35.25
C ASN B 153 -18.15 -6.94 -36.23
N VAL B 154 -17.60 -5.74 -35.99
CA VAL B 154 -16.67 -5.17 -36.95
C VAL B 154 -15.39 -6.00 -37.04
N LEU B 155 -14.90 -6.51 -35.89
CA LEU B 155 -13.61 -7.17 -35.84
C LEU B 155 -13.73 -8.68 -36.11
N GLY B 156 -14.96 -9.16 -36.35
CA GLY B 156 -15.21 -10.56 -36.65
C GLY B 156 -15.00 -11.47 -35.44
N MET B 157 -15.42 -11.00 -34.25
CA MET B 157 -15.23 -11.67 -32.97
C MET B 157 -16.57 -12.00 -32.35
N ASN B 158 -16.57 -12.99 -31.43
CA ASN B 158 -17.72 -13.23 -30.58
C ASN B 158 -17.86 -12.07 -29.59
N GLU B 159 -19.11 -11.77 -29.23
CA GLU B 159 -19.39 -10.63 -28.37
C GLU B 159 -18.85 -10.89 -26.95
N ASP B 160 -18.58 -12.16 -26.64
CA ASP B 160 -18.03 -12.54 -25.35
C ASP B 160 -16.50 -12.60 -25.36
N GLU B 161 -15.86 -12.03 -26.39
CA GLU B 161 -14.43 -11.81 -26.37
C GLU B 161 -14.13 -10.31 -26.30
N VAL B 162 -15.20 -9.51 -26.23
CA VAL B 162 -15.06 -8.08 -26.02
C VAL B 162 -15.53 -7.75 -24.61
N PHE B 163 -14.72 -6.97 -23.88
CA PHE B 163 -15.01 -6.70 -22.49
C PHE B 163 -15.14 -5.21 -22.26
N LEU B 164 -15.93 -4.84 -21.26
CA LEU B 164 -16.08 -3.45 -20.88
C LEU B 164 -15.25 -3.20 -19.63
N MET B 165 -14.39 -2.18 -19.70
CA MET B 165 -13.73 -1.64 -18.50
C MET B 165 -14.23 -0.23 -18.25
N LEU B 166 -14.79 0.04 -17.06
CA LEU B 166 -15.11 1.39 -16.60
C LEU B 166 -13.89 2.03 -15.96
N VAL B 167 -13.67 3.33 -16.22
CA VAL B 167 -12.63 4.12 -15.58
C VAL B 167 -13.24 5.41 -15.02
N GLY B 168 -12.99 5.67 -13.74
CA GLY B 168 -13.47 6.86 -13.07
C GLY B 168 -13.00 6.95 -11.64
N ALA B 169 -12.62 8.18 -11.21
CA ALA B 169 -12.22 8.46 -9.83
C ALA B 169 -11.03 7.58 -9.43
N GLY B 170 -10.13 7.33 -10.37
CA GLY B 170 -8.94 6.51 -10.14
C GLY B 170 -9.21 5.01 -10.23
N LEU B 171 -10.49 4.60 -10.27
CA LEU B 171 -10.83 3.19 -10.33
C LEU B 171 -10.87 2.72 -11.77
N ARG B 172 -10.24 1.57 -12.04
CA ARG B 172 -10.39 0.87 -13.31
C ARG B 172 -10.96 -0.51 -13.02
N ILE B 173 -12.11 -0.85 -13.64
CA ILE B 173 -12.79 -2.12 -13.40
C ILE B 173 -13.26 -2.74 -14.71
N VAL B 174 -12.71 -3.93 -15.05
CA VAL B 174 -13.14 -4.71 -16.20
C VAL B 174 -14.21 -5.71 -15.75
N HIS B 175 -15.13 -6.05 -16.65
CA HIS B 175 -16.24 -6.94 -16.35
C HIS B 175 -16.07 -8.25 -17.12
N VAL B 176 -16.06 -9.39 -16.42
CA VAL B 176 -15.96 -10.68 -17.10
C VAL B 176 -17.27 -10.99 -17.85
N THR B 177 -18.38 -10.50 -17.28
CA THR B 177 -19.66 -10.55 -17.97
C THR B 177 -20.30 -9.17 -17.84
N LEU B 178 -21.38 -8.96 -18.60
CA LEU B 178 -22.04 -7.67 -18.71
C LEU B 178 -23.40 -7.99 -19.32
N HIS B 179 -24.43 -7.21 -19.00
CA HIS B 179 -25.63 -7.18 -19.83
C HIS B 179 -26.15 -8.57 -20.23
N GLU B 180 -26.32 -9.42 -19.21
CA GLU B 180 -27.14 -10.60 -19.25
C GLU B 180 -27.61 -10.83 -17.81
N SER B 181 -28.53 -11.76 -17.63
CA SER B 181 -29.03 -12.08 -16.30
C SER B 181 -27.89 -12.62 -15.46
N VAL B 182 -28.01 -12.43 -14.14
CA VAL B 182 -27.02 -12.94 -13.22
C VAL B 182 -26.87 -14.45 -13.42
N ARG B 183 -28.01 -15.16 -13.55
CA ARG B 183 -28.03 -16.61 -13.71
C ARG B 183 -27.26 -16.97 -14.98
N SER B 184 -27.64 -16.33 -16.09
CA SER B 184 -27.02 -16.52 -17.38
C SER B 184 -25.51 -16.26 -17.31
N ALA B 185 -25.11 -15.16 -16.65
CA ALA B 185 -23.71 -14.83 -16.42
C ALA B 185 -23.00 -15.96 -15.67
N LEU B 186 -23.62 -16.45 -14.59
CA LEU B 186 -23.01 -17.49 -13.77
C LEU B 186 -22.84 -18.77 -14.59
N GLU B 187 -23.80 -19.05 -15.48
CA GLU B 187 -23.78 -20.25 -16.30
C GLU B 187 -22.64 -20.16 -17.32
N ARG B 188 -22.24 -18.94 -17.67
CA ARG B 188 -21.25 -18.71 -18.71
C ARG B 188 -19.84 -18.73 -18.11
N LEU B 189 -19.70 -18.34 -16.83
CA LEU B 189 -18.39 -18.07 -16.26
C LEU B 189 -17.53 -19.33 -16.30
N SER B 190 -16.29 -19.17 -16.77
CA SER B 190 -15.32 -20.26 -16.76
C SER B 190 -13.94 -19.70 -16.40
N PRO B 191 -12.98 -20.54 -15.98
CA PRO B 191 -11.62 -20.07 -15.75
C PRO B 191 -11.08 -19.31 -16.97
N GLN B 192 -11.33 -19.85 -18.18
CA GLN B 192 -10.83 -19.25 -19.41
C GLN B 192 -11.46 -17.87 -19.66
N LEU B 193 -12.73 -17.68 -19.30
CA LEU B 193 -13.38 -16.40 -19.62
C LEU B 193 -12.80 -15.31 -18.73
N VAL B 194 -12.53 -15.65 -17.46
CA VAL B 194 -11.91 -14.72 -16.52
C VAL B 194 -10.53 -14.33 -17.04
N ILE B 195 -9.79 -15.32 -17.56
CA ILE B 195 -8.43 -15.12 -18.03
C ILE B 195 -8.44 -14.15 -19.22
N ASN B 196 -9.41 -14.33 -20.14
CA ASN B 196 -9.50 -13.49 -21.32
C ASN B 196 -9.74 -12.04 -20.89
N ALA B 197 -10.60 -11.86 -19.87
CA ALA B 197 -10.96 -10.52 -19.42
C ALA B 197 -9.73 -9.83 -18.85
N VAL B 198 -8.93 -10.57 -18.07
CA VAL B 198 -7.77 -10.00 -17.42
C VAL B 198 -6.72 -9.64 -18.46
N ASP B 199 -6.38 -10.60 -19.34
CA ASP B 199 -5.48 -10.36 -20.46
C ASP B 199 -5.83 -9.07 -21.18
N ALA B 200 -7.09 -8.97 -21.64
CA ALA B 200 -7.54 -7.82 -22.41
C ALA B 200 -7.38 -6.54 -21.60
N ALA B 201 -7.71 -6.60 -20.30
CA ALA B 201 -7.68 -5.43 -19.44
C ALA B 201 -6.24 -5.03 -19.10
N VAL B 202 -5.34 -6.02 -18.98
CA VAL B 202 -3.94 -5.77 -18.68
C VAL B 202 -3.29 -5.02 -19.84
N GLN B 203 -3.52 -5.51 -21.06
CA GLN B 203 -3.06 -4.82 -22.27
C GLN B 203 -3.58 -3.38 -22.26
N THR B 204 -4.87 -3.22 -21.97
CA THR B 204 -5.49 -1.89 -21.98
C THR B 204 -4.82 -1.00 -20.95
N CYS B 205 -4.43 -1.59 -19.80
CA CYS B 205 -3.76 -0.83 -18.76
C CYS B 205 -2.47 -0.18 -19.28
N THR B 206 -1.72 -0.91 -20.12
CA THR B 206 -0.51 -0.38 -20.71
C THR B 206 -0.82 0.93 -21.45
N LEU B 207 -1.89 0.91 -22.25
CA LEU B 207 -2.31 2.09 -23.00
C LEU B 207 -2.58 3.25 -22.05
N LEU B 208 -3.25 2.96 -20.92
CA LEU B 208 -3.69 4.00 -19.99
C LEU B 208 -2.52 4.55 -19.18
N GLY B 209 -1.33 3.93 -19.33
CA GLY B 209 -0.11 4.39 -18.70
C GLY B 209 0.19 3.69 -17.37
N VAL B 210 -0.23 2.42 -17.25
CA VAL B 210 0.10 1.58 -16.11
C VAL B 210 0.58 0.23 -16.63
N PRO B 211 1.87 0.07 -17.04
CA PRO B 211 2.30 -1.14 -17.75
C PRO B 211 2.16 -2.42 -16.91
N LYS B 212 2.48 -2.32 -15.61
CA LYS B 212 2.56 -3.49 -14.75
C LYS B 212 1.59 -3.29 -13.57
N PRO B 213 0.26 -3.43 -13.78
CA PRO B 213 -0.72 -3.04 -12.76
C PRO B 213 -0.85 -4.06 -11.64
N GLN B 214 -1.28 -3.58 -10.48
CA GLN B 214 -1.69 -4.41 -9.35
C GLN B 214 -3.17 -4.72 -9.48
N VAL B 215 -3.50 -6.01 -9.66
CA VAL B 215 -4.81 -6.50 -10.05
C VAL B 215 -5.50 -7.14 -8.86
N ALA B 216 -6.80 -6.85 -8.69
CA ALA B 216 -7.64 -7.53 -7.70
C ALA B 216 -8.83 -8.19 -8.42
N VAL B 217 -9.00 -9.49 -8.21
CA VAL B 217 -10.10 -10.23 -8.82
C VAL B 217 -11.23 -10.36 -7.79
N PHE B 218 -12.44 -9.93 -8.18
CA PHE B 218 -13.60 -10.07 -7.32
C PHE B 218 -14.03 -11.53 -7.23
N GLY B 219 -14.63 -11.89 -6.08
CA GLY B 219 -15.26 -13.19 -5.93
C GLY B 219 -16.64 -13.20 -6.57
N ILE B 220 -16.99 -14.36 -7.14
CA ILE B 220 -18.33 -14.57 -7.67
C ILE B 220 -19.32 -14.47 -6.50
N ASN B 221 -19.05 -15.23 -5.43
CA ASN B 221 -19.91 -15.27 -4.27
C ASN B 221 -19.39 -14.30 -3.21
N PRO B 222 -20.26 -13.84 -2.27
CA PRO B 222 -19.81 -13.00 -1.16
C PRO B 222 -18.57 -13.59 -0.50
N HIS B 223 -17.62 -12.72 -0.15
CA HIS B 223 -16.39 -13.11 0.53
C HIS B 223 -15.69 -14.16 -0.33
N ALA B 224 -15.87 -14.08 -1.66
CA ALA B 224 -15.25 -15.01 -2.58
C ALA B 224 -15.51 -16.46 -2.16
N SER B 225 -16.75 -16.74 -1.74
CA SER B 225 -17.20 -18.08 -1.35
C SER B 225 -16.77 -18.47 0.05
N GLU B 226 -15.80 -17.73 0.62
CA GLU B 226 -15.29 -17.98 1.96
C GLU B 226 -14.83 -19.44 2.06
N GLY B 227 -13.78 -19.78 1.32
CA GLY B 227 -13.41 -21.16 1.08
C GLY B 227 -14.37 -21.80 0.08
N GLN B 228 -15.32 -22.58 0.59
CA GLN B 228 -16.40 -23.15 -0.20
C GLN B 228 -17.72 -23.06 0.58
N LEU B 229 -17.73 -22.21 1.61
CA LEU B 229 -18.85 -22.16 2.55
C LEU B 229 -20.07 -21.52 1.86
N PHE B 230 -19.83 -20.59 0.94
CA PHE B 230 -20.92 -19.91 0.27
C PHE B 230 -20.89 -20.20 -1.23
N GLY B 231 -20.82 -21.50 -1.57
CA GLY B 231 -20.82 -21.94 -2.96
C GLY B 231 -19.45 -22.46 -3.42
N LEU B 232 -19.47 -23.18 -4.56
CA LEU B 232 -18.29 -23.85 -5.09
C LEU B 232 -17.72 -23.05 -6.26
N GLU B 233 -18.49 -22.06 -6.74
CA GLU B 233 -18.14 -21.38 -7.97
C GLU B 233 -16.69 -20.84 -7.91
N ASP B 234 -16.34 -20.15 -6.82
CA ASP B 234 -15.05 -19.50 -6.75
C ASP B 234 -13.93 -20.53 -6.80
N SER B 235 -14.06 -21.64 -6.06
CA SER B 235 -13.04 -22.68 -6.09
C SER B 235 -12.92 -23.30 -7.49
N GLN B 236 -13.98 -23.23 -8.29
CA GLN B 236 -13.95 -23.82 -9.62
C GLN B 236 -13.50 -22.85 -10.70
N ILE B 237 -13.62 -21.54 -10.45
CA ILE B 237 -13.56 -20.53 -11.50
C ILE B 237 -12.48 -19.49 -11.22
N THR B 238 -12.62 -18.73 -10.12
CA THR B 238 -11.76 -17.59 -9.91
C THR B 238 -10.41 -18.03 -9.34
N VAL B 239 -10.45 -19.07 -8.49
CA VAL B 239 -9.24 -19.57 -7.84
C VAL B 239 -8.30 -20.18 -8.87
N PRO B 240 -8.73 -21.11 -9.76
CA PRO B 240 -7.82 -21.63 -10.79
C PRO B 240 -7.28 -20.50 -11.68
N ALA B 241 -8.16 -19.56 -12.08
CA ALA B 241 -7.81 -18.48 -12.98
C ALA B 241 -6.73 -17.58 -12.37
N VAL B 242 -6.83 -17.27 -11.07
CA VAL B 242 -5.85 -16.46 -10.38
C VAL B 242 -4.51 -17.20 -10.37
N GLU B 243 -4.54 -18.53 -10.13
CA GLU B 243 -3.35 -19.36 -10.09
C GLU B 243 -2.71 -19.59 -11.46
N THR B 244 -3.42 -19.36 -12.57
CA THR B 244 -2.81 -19.34 -13.89
C THR B 244 -2.13 -17.97 -14.11
N LEU B 245 -2.78 -16.91 -13.65
CA LEU B 245 -2.37 -15.54 -13.92
C LEU B 245 -1.09 -15.18 -13.16
N ARG B 246 -1.03 -15.58 -11.87
CA ARG B 246 0.19 -15.40 -11.10
C ARG B 246 1.33 -16.15 -11.77
N LYS B 247 1.07 -17.41 -12.16
CA LYS B 247 2.06 -18.27 -12.79
C LYS B 247 2.64 -17.58 -14.03
N ARG B 248 1.77 -16.94 -14.83
CA ARG B 248 2.22 -16.23 -16.02
C ARG B 248 2.95 -14.92 -15.66
N GLY B 249 2.90 -14.52 -14.40
CA GLY B 249 3.78 -13.49 -13.89
C GLY B 249 3.07 -12.18 -13.57
N LEU B 250 1.75 -12.23 -13.37
CA LEU B 250 1.00 -11.02 -13.08
C LEU B 250 0.86 -10.85 -11.57
N THR B 251 0.70 -9.60 -11.12
CA THR B 251 0.54 -9.27 -9.70
C THR B 251 -0.95 -9.19 -9.38
N VAL B 252 -1.54 -10.32 -8.96
CA VAL B 252 -2.98 -10.51 -8.80
C VAL B 252 -3.29 -10.96 -7.37
N ASP B 253 -4.17 -10.22 -6.70
CA ASP B 253 -4.69 -10.62 -5.40
C ASP B 253 -6.11 -11.16 -5.61
N GLY B 254 -6.48 -12.20 -4.86
CA GLY B 254 -7.85 -12.67 -4.86
C GLY B 254 -8.03 -14.13 -5.29
N PRO B 255 -9.29 -14.60 -5.48
CA PRO B 255 -10.46 -13.74 -5.37
C PRO B 255 -10.76 -13.29 -3.93
N MET B 256 -11.40 -12.14 -3.81
CA MET B 256 -11.72 -11.51 -2.55
C MET B 256 -13.08 -10.88 -2.72
N GLY B 257 -13.86 -10.84 -1.63
CA GLY B 257 -15.08 -10.06 -1.58
C GLY B 257 -14.86 -8.65 -2.16
N ALA B 258 -15.66 -8.35 -3.17
CA ALA B 258 -15.53 -7.13 -3.95
C ALA B 258 -15.61 -5.92 -3.02
N ASP B 259 -16.54 -5.98 -2.08
CA ASP B 259 -16.80 -4.92 -1.12
C ASP B 259 -15.52 -4.59 -0.34
N MET B 260 -14.74 -5.64 -0.03
CA MET B 260 -13.61 -5.50 0.86
C MET B 260 -12.45 -4.87 0.10
N VAL B 261 -12.18 -5.42 -1.10
CA VAL B 261 -10.98 -5.09 -1.88
C VAL B 261 -11.09 -3.68 -2.47
N LEU B 262 -12.30 -3.30 -2.89
CA LEU B 262 -12.55 -1.97 -3.44
C LEU B 262 -12.31 -0.91 -2.37
N ALA B 263 -12.69 -1.25 -1.12
CA ALA B 263 -12.65 -0.31 -0.02
C ALA B 263 -11.22 0.19 0.22
N GLN B 264 -10.27 -0.75 0.08
CA GLN B 264 -8.87 -0.49 0.36
C GLN B 264 -8.29 0.49 -0.66
N ARG B 265 -8.77 0.40 -1.91
CA ARG B 265 -8.45 1.38 -2.95
C ARG B 265 -6.93 1.41 -3.17
N LYS B 266 -6.34 0.23 -3.40
CA LYS B 266 -4.90 0.05 -3.50
C LYS B 266 -4.51 -0.86 -4.68
N HIS B 267 -5.38 -0.93 -5.70
CA HIS B 267 -5.12 -1.72 -6.88
C HIS B 267 -5.33 -0.84 -8.12
N ASP B 268 -4.69 -1.21 -9.23
CA ASP B 268 -4.77 -0.38 -10.41
C ASP B 268 -5.89 -0.83 -11.34
N LEU B 269 -6.30 -2.09 -11.16
CA LEU B 269 -7.30 -2.72 -12.00
C LEU B 269 -8.07 -3.73 -11.16
N TYR B 270 -9.40 -3.61 -11.16
CA TYR B 270 -10.24 -4.60 -10.50
C TYR B 270 -10.95 -5.42 -11.58
N VAL B 271 -11.17 -6.70 -11.30
CA VAL B 271 -11.85 -7.58 -12.22
C VAL B 271 -13.19 -7.97 -11.61
N ALA B 272 -14.29 -7.50 -12.20
CA ALA B 272 -15.60 -7.81 -11.67
C ALA B 272 -16.20 -9.00 -12.42
N MET B 273 -16.87 -9.89 -11.68
CA MET B 273 -17.51 -11.05 -12.27
C MET B 273 -18.83 -10.62 -12.93
N LEU B 274 -19.50 -9.62 -12.33
CA LEU B 274 -20.87 -9.28 -12.68
C LEU B 274 -20.99 -7.76 -12.84
N HIS B 275 -21.86 -7.36 -13.78
CA HIS B 275 -22.14 -5.97 -14.09
C HIS B 275 -22.19 -5.13 -12.81
N ASP B 276 -23.10 -5.49 -11.91
CA ASP B 276 -23.39 -4.63 -10.77
C ASP B 276 -22.14 -4.44 -9.90
N GLN B 277 -21.31 -5.47 -9.79
CA GLN B 277 -20.14 -5.39 -8.93
C GLN B 277 -19.27 -4.21 -9.36
N GLY B 278 -19.10 -4.02 -10.68
CA GLY B 278 -18.22 -3.00 -11.21
C GLY B 278 -18.91 -1.64 -11.29
N HIS B 279 -20.22 -1.65 -11.57
CA HIS B 279 -20.92 -0.45 -12.00
C HIS B 279 -21.28 0.43 -10.82
N ILE B 280 -21.63 -0.21 -9.70
CA ILE B 280 -22.04 0.51 -8.50
C ILE B 280 -20.91 1.43 -8.01
N PRO B 281 -19.68 0.91 -7.75
CA PRO B 281 -18.58 1.75 -7.27
C PRO B 281 -18.32 2.94 -8.21
N ILE B 282 -18.20 2.64 -9.51
CA ILE B 282 -17.83 3.65 -10.50
C ILE B 282 -18.87 4.77 -10.49
N LYS B 283 -20.16 4.42 -10.50
CA LYS B 283 -21.19 5.41 -10.73
C LYS B 283 -21.44 6.20 -9.44
N LEU B 284 -21.14 5.58 -8.30
CA LEU B 284 -21.29 6.23 -7.01
C LEU B 284 -20.21 7.29 -6.81
N LEU B 285 -18.97 6.96 -7.18
CA LEU B 285 -17.81 7.85 -7.05
C LEU B 285 -17.67 8.82 -8.23
N ALA B 286 -18.26 8.51 -9.39
CA ALA B 286 -18.20 9.43 -10.52
C ALA B 286 -19.56 9.76 -11.15
N PRO B 287 -20.02 11.05 -11.14
CA PRO B 287 -21.34 11.42 -11.64
C PRO B 287 -21.54 11.24 -13.17
N GLY B 289 -18.17 12.37 -14.67
CA GLY B 289 -18.58 11.12 -15.34
C GLY B 289 -17.50 10.01 -15.36
N ALA B 290 -17.89 8.87 -15.96
CA ALA B 290 -17.00 7.73 -16.14
C ALA B 290 -16.69 7.56 -17.63
N SER B 291 -15.55 6.93 -17.94
CA SER B 291 -15.31 6.50 -19.31
C SER B 291 -15.51 4.99 -19.42
N ALA B 292 -16.18 4.56 -20.49
CA ALA B 292 -16.47 3.14 -20.72
C ALA B 292 -15.62 2.67 -21.91
N LEU B 293 -14.65 1.79 -21.65
CA LEU B 293 -13.77 1.29 -22.69
C LEU B 293 -14.20 -0.10 -23.12
N SER B 294 -14.50 -0.24 -24.43
CA SER B 294 -14.72 -1.54 -25.04
C SER B 294 -13.39 -2.04 -25.58
N ILE B 295 -13.02 -3.25 -25.16
CA ILE B 295 -11.70 -3.79 -25.45
C ILE B 295 -11.87 -5.10 -26.20
N GLY B 296 -11.33 -5.13 -27.42
CA GLY B 296 -11.46 -6.27 -28.32
C GLY B 296 -10.30 -6.34 -29.31
N GLY B 297 -9.65 -7.52 -29.37
CA GLY B 297 -8.39 -7.66 -30.07
C GLY B 297 -7.42 -6.63 -29.51
N ARG B 298 -6.87 -5.80 -30.41
CA ARG B 298 -5.94 -4.75 -30.02
C ARG B 298 -6.67 -3.41 -29.87
N VAL B 299 -7.99 -3.39 -30.07
CA VAL B 299 -8.74 -2.15 -30.20
C VAL B 299 -9.32 -1.75 -28.84
N VAL B 300 -9.07 -0.50 -28.47
CA VAL B 300 -9.70 0.11 -27.31
C VAL B 300 -10.57 1.25 -27.83
N LEU B 301 -11.89 1.10 -27.61
CA LEU B 301 -12.84 2.13 -27.95
C LEU B 301 -13.45 2.66 -26.67
N SER B 302 -13.40 3.97 -26.48
CA SER B 302 -14.05 4.61 -25.35
C SER B 302 -15.19 5.49 -25.84
N SER B 303 -16.28 5.50 -25.08
CA SER B 303 -17.35 6.44 -25.34
C SER B 303 -17.06 7.70 -24.54
N VAL B 304 -17.96 8.68 -24.66
CA VAL B 304 -17.78 9.95 -23.99
C VAL B 304 -18.71 10.00 -22.77
N GLY B 305 -19.49 8.93 -22.55
CA GLY B 305 -20.14 8.64 -21.28
C GLY B 305 -21.38 9.50 -21.03
N HIS B 306 -21.88 10.16 -22.08
CA HIS B 306 -23.06 10.99 -22.00
C HIS B 306 -23.80 10.84 -23.33
N GLY B 307 -25.08 11.27 -23.38
CA GLY B 307 -25.92 11.13 -24.55
C GLY B 307 -25.53 12.09 -25.68
N SER B 308 -26.29 12.03 -26.79
CA SER B 308 -26.03 12.82 -27.98
C SER B 308 -26.58 14.23 -27.83
N ALA B 309 -27.35 14.43 -26.74
CA ALA B 309 -27.83 15.72 -26.29
C ALA B 309 -28.52 16.46 -27.43
N MET B 310 -29.57 15.85 -28.00
CA MET B 310 -30.22 16.37 -29.19
C MET B 310 -30.80 17.76 -28.95
N ASP B 311 -31.25 18.01 -27.71
CA ASP B 311 -31.93 19.26 -27.39
C ASP B 311 -31.01 20.48 -27.46
N ILE B 312 -29.69 20.28 -27.39
CA ILE B 312 -28.73 21.39 -27.35
C ILE B 312 -27.84 21.39 -28.60
N ALA B 313 -28.14 20.49 -29.54
CA ALA B 313 -27.28 20.35 -30.71
C ALA B 313 -27.38 21.60 -31.58
N GLY B 314 -26.22 22.18 -31.87
CA GLY B 314 -26.08 23.11 -32.99
C GLY B 314 -26.45 24.54 -32.62
N ARG B 315 -26.51 24.82 -31.32
CA ARG B 315 -26.62 26.20 -30.87
C ARG B 315 -25.24 26.73 -30.45
N GLY B 316 -24.22 25.89 -30.60
CA GLY B 316 -22.83 26.25 -30.36
C GLY B 316 -22.54 26.46 -28.87
N VAL B 317 -23.25 25.73 -28.01
CA VAL B 317 -23.17 25.93 -26.57
C VAL B 317 -22.69 24.68 -25.84
N ALA B 318 -22.12 23.69 -26.54
CA ALA B 318 -21.92 22.38 -25.96
C ALA B 318 -20.55 22.24 -25.31
N ASP B 319 -20.52 21.57 -24.16
CA ASP B 319 -19.31 21.34 -23.38
C ASP B 319 -18.50 20.12 -23.88
N ALA B 320 -17.21 20.34 -24.14
CA ALA B 320 -16.33 19.30 -24.66
C ALA B 320 -15.48 18.72 -23.54
N THR B 321 -15.76 19.11 -22.29
CA THR B 321 -14.95 18.71 -21.13
C THR B 321 -14.87 17.18 -21.05
N ALA B 322 -16.01 16.51 -21.19
CA ALA B 322 -16.05 15.06 -21.10
C ALA B 322 -15.21 14.43 -22.23
N LEU B 323 -15.29 14.99 -23.43
CA LEU B 323 -14.45 14.55 -24.54
C LEU B 323 -12.97 14.78 -24.22
N LEU B 324 -12.63 15.99 -23.78
CA LEU B 324 -11.24 16.30 -23.45
C LEU B 324 -10.69 15.30 -22.43
N ARG B 325 -11.52 14.94 -21.43
CA ARG B 325 -11.09 14.05 -20.37
C ARG B 325 -10.84 12.65 -20.94
N THR B 326 -11.66 12.26 -21.93
CA THR B 326 -11.57 10.95 -22.58
C THR B 326 -10.29 10.90 -23.40
N ILE B 327 -9.97 12.02 -24.05
CA ILE B 327 -8.74 12.17 -24.80
C ILE B 327 -7.55 12.07 -23.86
N ALA B 328 -7.58 12.79 -22.74
CA ALA B 328 -6.52 12.72 -21.72
C ALA B 328 -6.29 11.27 -21.26
N LEU B 329 -7.40 10.53 -21.11
CA LEU B 329 -7.37 9.17 -20.59
C LEU B 329 -6.71 8.21 -21.58
N LEU B 330 -7.21 8.16 -22.81
CA LEU B 330 -6.67 7.28 -23.82
C LEU B 330 -5.37 7.84 -24.39
N GLY B 331 -5.04 9.09 -24.09
CA GLY B 331 -3.85 9.69 -24.69
C GLY B 331 -2.65 9.72 -23.76
N ALA B 332 -2.72 8.98 -22.64
CA ALA B 332 -1.80 9.10 -21.52
C ALA B 332 -0.41 8.61 -21.89
N GLN B 333 0.60 9.11 -21.14
CA GLN B 333 2.00 8.87 -21.44
C GLN B 333 2.36 7.43 -21.06
N PRO B 334 3.13 6.69 -21.90
CA PRO B 334 3.78 5.45 -21.44
C PRO B 334 4.70 5.72 -20.24
N MET C 21 -24.01 18.27 21.26
CA MET C 21 -23.31 17.76 22.47
C MET C 21 -23.78 16.32 22.75
N THR C 22 -25.08 16.15 23.01
CA THR C 22 -25.66 14.93 23.55
C THR C 22 -26.28 14.04 22.45
N ILE C 23 -26.03 12.73 22.53
CA ILE C 23 -26.27 11.85 21.41
C ILE C 23 -27.28 10.74 21.74
N VAL C 24 -27.64 10.59 23.02
CA VAL C 24 -28.54 9.51 23.43
C VAL C 24 -29.92 10.09 23.78
N HIS C 25 -30.92 9.79 22.95
CA HIS C 25 -32.26 10.31 23.13
C HIS C 25 -33.27 9.18 23.28
N ARG C 26 -32.78 7.95 23.45
CA ARG C 26 -33.65 6.81 23.69
C ARG C 26 -32.94 5.75 24.51
N ARG C 27 -33.67 4.71 24.88
CA ARG C 27 -33.14 3.68 25.76
C ARG C 27 -32.42 2.65 24.92
N LEU C 28 -31.22 2.29 25.38
CA LEU C 28 -30.33 1.40 24.66
C LEU C 28 -29.80 0.34 25.62
N ALA C 29 -29.65 -0.89 25.11
CA ALA C 29 -28.93 -1.93 25.81
C ALA C 29 -27.53 -2.01 25.20
N LEU C 30 -26.53 -2.04 26.08
CA LEU C 30 -25.15 -2.14 25.63
C LEU C 30 -24.53 -3.42 26.18
N ALA C 31 -24.32 -4.42 25.31
CA ALA C 31 -23.69 -5.66 25.72
C ALA C 31 -22.19 -5.50 25.56
N ILE C 32 -21.41 -5.88 26.57
CA ILE C 32 -20.01 -5.46 26.61
C ILE C 32 -19.13 -6.41 25.81
N GLY C 33 -19.74 -7.42 25.15
CA GLY C 33 -19.00 -8.32 24.29
C GLY C 33 -18.05 -9.20 25.08
N ASP C 34 -16.95 -9.60 24.45
CA ASP C 34 -16.00 -10.50 25.08
C ASP C 34 -15.39 -9.80 26.30
N PRO C 35 -15.57 -10.36 27.51
CA PRO C 35 -15.11 -9.72 28.74
C PRO C 35 -13.59 -9.69 28.85
N HIS C 36 -12.92 -10.39 27.93
CA HIS C 36 -11.47 -10.44 27.89
C HIS C 36 -10.92 -9.46 26.87
N GLY C 37 -11.76 -9.02 25.93
CA GLY C 37 -11.32 -8.08 24.92
C GLY C 37 -11.47 -6.63 25.38
N ILE C 38 -11.59 -5.72 24.40
CA ILE C 38 -11.58 -4.29 24.66
C ILE C 38 -12.99 -3.78 24.90
N GLY C 39 -14.00 -4.64 24.73
CA GLY C 39 -15.39 -4.26 24.91
C GLY C 39 -15.62 -3.54 26.23
N PRO C 40 -15.32 -4.16 27.40
CA PRO C 40 -15.55 -3.50 28.69
C PRO C 40 -14.90 -2.11 28.73
N GLU C 41 -13.67 -2.03 28.24
CA GLU C 41 -12.87 -0.81 28.26
C GLU C 41 -13.57 0.29 27.46
N ILE C 42 -13.94 -0.04 26.21
CA ILE C 42 -14.58 0.95 25.36
C ILE C 42 -15.99 1.24 25.88
N ALA C 43 -16.61 0.28 26.57
CA ALA C 43 -17.92 0.55 27.15
C ALA C 43 -17.78 1.68 28.16
N LEU C 44 -16.76 1.59 29.03
CA LEU C 44 -16.54 2.61 30.04
C LEU C 44 -16.18 3.95 29.41
N LYS C 45 -15.29 3.95 28.40
CA LYS C 45 -14.84 5.21 27.84
C LYS C 45 -16.00 5.93 27.15
N ALA C 46 -16.89 5.15 26.51
CA ALA C 46 -18.04 5.75 25.83
C ALA C 46 -18.99 6.35 26.86
N LEU C 47 -19.27 5.62 27.93
CA LEU C 47 -20.21 6.09 28.94
C LEU C 47 -19.65 7.33 29.64
N GLN C 48 -18.33 7.35 29.85
CA GLN C 48 -17.60 8.49 30.41
C GLN C 48 -17.99 9.76 29.66
N GLN C 49 -18.00 9.70 28.33
CA GLN C 49 -18.12 10.87 27.48
C GLN C 49 -19.55 11.41 27.49
N LEU C 50 -20.52 10.62 27.97
CA LEU C 50 -21.90 11.06 27.98
C LEU C 50 -22.20 11.82 29.27
N SER C 51 -23.30 12.58 29.27
CA SER C 51 -23.78 13.21 30.50
C SER C 51 -24.41 12.14 31.39
N ALA C 52 -24.79 12.52 32.61
CA ALA C 52 -25.42 11.60 33.55
C ALA C 52 -26.78 11.14 33.01
N THR C 53 -27.56 12.09 32.46
CA THR C 53 -28.86 11.80 31.86
C THR C 53 -28.70 10.71 30.79
N GLU C 54 -27.64 10.82 29.98
CA GLU C 54 -27.44 9.93 28.87
C GLU C 54 -27.02 8.56 29.38
N ARG C 55 -26.20 8.53 30.44
CA ARG C 55 -25.72 7.28 31.01
C ARG C 55 -26.91 6.45 31.49
N SER C 56 -27.95 7.12 32.00
CA SER C 56 -29.06 6.41 32.63
C SER C 56 -30.02 5.84 31.59
N LEU C 57 -29.77 6.19 30.31
CA LEU C 57 -30.53 5.67 29.19
C LEU C 57 -29.82 4.48 28.54
N ILE C 58 -28.58 4.22 28.95
CA ILE C 58 -27.87 3.05 28.48
C ILE C 58 -27.77 2.04 29.62
N LYS C 59 -28.46 0.91 29.44
CA LYS C 59 -28.36 -0.19 30.37
C LYS C 59 -27.32 -1.18 29.84
N VAL C 60 -26.36 -1.53 30.71
CA VAL C 60 -25.18 -2.29 30.34
C VAL C 60 -25.39 -3.75 30.72
N TYR C 61 -25.14 -4.65 29.76
CA TYR C 61 -25.25 -6.08 30.03
C TYR C 61 -23.88 -6.73 29.94
N GLY C 62 -23.51 -7.42 31.02
CA GLY C 62 -22.22 -8.10 31.09
C GLY C 62 -21.85 -8.46 32.52
N PRO C 63 -20.74 -9.21 32.71
CA PRO C 63 -20.24 -9.52 34.05
C PRO C 63 -19.71 -8.26 34.72
N TRP C 64 -20.20 -8.00 35.94
CA TRP C 64 -19.72 -6.87 36.71
C TRP C 64 -18.18 -6.91 36.82
N SER C 65 -17.64 -8.11 37.06
CA SER C 65 -16.20 -8.30 37.27
C SER C 65 -15.38 -7.69 36.12
N ALA C 66 -15.86 -7.81 34.87
CA ALA C 66 -15.12 -7.29 33.73
C ALA C 66 -15.15 -5.77 33.72
N LEU C 67 -16.26 -5.19 34.16
CA LEU C 67 -16.35 -3.74 34.20
C LEU C 67 -15.45 -3.20 35.32
N GLU C 68 -15.38 -3.94 36.42
CA GLU C 68 -14.53 -3.59 37.55
C GLU C 68 -13.06 -3.60 37.13
N GLN C 69 -12.64 -4.71 36.50
CA GLN C 69 -11.32 -4.86 35.88
C GLN C 69 -11.02 -3.68 34.96
N ALA C 70 -11.91 -3.41 34.00
CA ALA C 70 -11.72 -2.33 33.05
C ALA C 70 -11.56 -0.98 33.76
N ALA C 71 -12.32 -0.78 34.85
CA ALA C 71 -12.35 0.48 35.57
C ALA C 71 -11.00 0.74 36.26
N GLN C 72 -10.42 -0.33 36.85
CA GLN C 72 -9.08 -0.32 37.43
C GLN C 72 -8.08 0.24 36.41
N ILE C 73 -8.00 -0.40 35.24
CA ILE C 73 -7.06 -0.08 34.18
C ILE C 73 -7.19 1.38 33.75
N CYS C 74 -8.44 1.84 33.53
CA CYS C 74 -8.68 3.17 32.97
C CYS C 74 -8.78 4.25 34.04
N GLN C 75 -8.79 3.82 35.32
CA GLN C 75 -8.85 4.72 36.47
C GLN C 75 -10.16 5.50 36.44
N MET C 76 -11.26 4.75 36.35
CA MET C 76 -12.59 5.28 36.12
C MET C 76 -13.57 4.64 37.10
N GLU C 77 -13.08 4.26 38.31
CA GLU C 77 -13.95 3.71 39.34
C GLU C 77 -15.15 4.62 39.60
N SER C 78 -14.94 5.94 39.55
CA SER C 78 -15.97 6.92 39.87
C SER C 78 -17.19 6.77 38.94
N LEU C 79 -17.03 6.04 37.84
CA LEU C 79 -18.07 5.94 36.84
C LEU C 79 -19.01 4.78 37.15
N LEU C 80 -18.55 3.77 37.91
CA LEU C 80 -19.25 2.51 38.11
C LEU C 80 -20.55 2.68 38.90
N GLN C 81 -20.60 3.71 39.76
CA GLN C 81 -21.76 3.99 40.59
C GLN C 81 -22.91 4.56 39.75
N ASP C 82 -22.59 5.25 38.65
CA ASP C 82 -23.59 5.93 37.84
C ASP C 82 -24.00 5.04 36.66
N LEU C 83 -23.78 3.73 36.79
CA LEU C 83 -23.91 2.83 35.66
C LEU C 83 -25.19 2.01 35.87
N ILE C 84 -26.09 2.05 34.89
CA ILE C 84 -27.24 1.16 34.95
C ILE C 84 -26.75 -0.19 34.41
N HIS C 85 -26.81 -1.22 35.24
CA HIS C 85 -26.18 -2.50 34.92
C HIS C 85 -27.10 -3.67 35.25
N GLU C 86 -27.11 -4.68 34.38
CA GLU C 86 -27.71 -5.95 34.70
C GLU C 86 -26.65 -7.02 34.48
N GLU C 87 -26.34 -7.77 35.53
CA GLU C 87 -25.44 -8.91 35.45
C GLU C 87 -25.92 -9.86 34.35
N ALA C 88 -24.97 -10.33 33.55
CA ALA C 88 -25.21 -11.28 32.47
C ALA C 88 -23.83 -11.77 32.03
N GLY C 89 -23.74 -13.04 31.64
CA GLY C 89 -22.45 -13.58 31.22
C GLY C 89 -21.44 -13.52 32.36
N SER C 90 -21.92 -13.79 33.59
CA SER C 90 -21.09 -13.95 34.75
C SER C 90 -20.00 -14.96 34.46
N LEU C 91 -18.79 -14.68 34.96
CA LEU C 91 -17.66 -15.58 34.86
C LEU C 91 -17.49 -16.21 36.23
N ALA C 92 -16.94 -17.45 36.26
CA ALA C 92 -16.81 -18.21 37.49
C ALA C 92 -15.39 -18.07 38.07
N GLN C 93 -14.51 -17.43 37.30
CA GLN C 93 -13.12 -17.23 37.65
C GLN C 93 -12.72 -15.86 37.08
N PRO C 94 -11.60 -15.24 37.55
CA PRO C 94 -11.33 -13.85 37.20
C PRO C 94 -11.18 -13.59 35.71
N VAL C 95 -11.34 -12.30 35.34
CA VAL C 95 -11.06 -11.78 34.02
C VAL C 95 -9.56 -11.87 33.74
N GLN C 96 -9.21 -12.43 32.58
CA GLN C 96 -7.85 -12.59 32.09
C GLN C 96 -7.77 -11.88 30.73
N CYS C 97 -7.34 -10.62 30.74
CA CYS C 97 -7.37 -9.81 29.52
C CYS C 97 -6.47 -10.43 28.45
N GLY C 98 -6.93 -10.46 27.20
CA GLY C 98 -6.10 -10.86 26.06
C GLY C 98 -6.15 -12.37 25.78
N GLU C 99 -6.70 -13.17 26.71
CA GLU C 99 -6.83 -14.60 26.49
C GLU C 99 -8.16 -14.96 25.81
N ILE C 100 -8.05 -15.85 24.84
CA ILE C 100 -9.19 -16.46 24.18
C ILE C 100 -9.62 -17.67 24.99
N THR C 101 -10.76 -17.58 25.68
CA THR C 101 -11.23 -18.68 26.50
C THR C 101 -12.69 -19.02 26.19
N PRO C 102 -13.07 -20.32 26.20
CA PRO C 102 -14.48 -20.71 26.06
C PRO C 102 -15.44 -19.92 26.94
N GLN C 103 -14.96 -19.58 28.15
CA GLN C 103 -15.76 -18.92 29.16
C GLN C 103 -16.17 -17.53 28.67
N ALA C 104 -15.24 -16.84 28.00
CA ALA C 104 -15.46 -15.45 27.61
C ALA C 104 -16.37 -15.43 26.39
N GLY C 105 -16.31 -16.52 25.63
CA GLY C 105 -17.20 -16.79 24.51
C GLY C 105 -18.65 -16.93 24.97
N LEU C 106 -18.88 -17.74 26.01
CA LEU C 106 -20.20 -17.93 26.56
C LEU C 106 -20.69 -16.60 27.14
N SER C 107 -19.80 -15.91 27.85
CA SER C 107 -20.15 -14.62 28.44
C SER C 107 -20.69 -13.69 27.36
N THR C 108 -19.93 -13.56 26.26
CA THR C 108 -20.26 -12.68 25.16
C THR C 108 -21.71 -12.89 24.75
N VAL C 109 -22.05 -14.16 24.53
CA VAL C 109 -23.30 -14.57 23.93
C VAL C 109 -24.42 -14.40 24.97
N GLN C 110 -24.10 -14.68 26.23
CA GLN C 110 -25.06 -14.53 27.31
C GLN C 110 -25.41 -13.05 27.46
N SER C 111 -24.40 -12.18 27.41
CA SER C 111 -24.61 -10.74 27.48
C SER C 111 -25.46 -10.25 26.31
N ALA C 112 -25.12 -10.67 25.09
CA ALA C 112 -25.86 -10.17 23.96
C ALA C 112 -27.30 -10.68 24.00
N THR C 113 -27.47 -11.94 24.44
CA THR C 113 -28.77 -12.57 24.60
C THR C 113 -29.63 -11.80 25.59
N ALA C 114 -29.03 -11.34 26.69
CA ALA C 114 -29.80 -10.60 27.69
C ALA C 114 -30.11 -9.20 27.15
N ALA C 115 -29.22 -8.63 26.34
CA ALA C 115 -29.50 -7.31 25.80
C ALA C 115 -30.66 -7.40 24.83
N ILE C 116 -30.62 -8.42 23.96
CA ILE C 116 -31.63 -8.68 22.95
C ILE C 116 -32.98 -8.88 23.63
N ARG C 117 -33.00 -9.66 24.72
CA ARG C 117 -34.25 -10.02 25.39
C ARG C 117 -34.87 -8.79 26.03
N ALA C 118 -34.02 -7.86 26.47
CA ALA C 118 -34.46 -6.61 27.06
C ALA C 118 -35.09 -5.72 25.98
N CYS C 119 -34.63 -5.86 24.74
CA CYS C 119 -35.18 -5.08 23.63
C CYS C 119 -36.51 -5.69 23.21
N GLU C 120 -36.55 -7.03 23.16
CA GLU C 120 -37.73 -7.79 22.78
C GLU C 120 -38.88 -7.54 23.76
N SER C 121 -38.54 -7.32 25.04
CA SER C 121 -39.53 -7.16 26.09
C SER C 121 -40.03 -5.71 26.10
N GLY C 122 -39.24 -4.81 25.47
CA GLY C 122 -39.61 -3.41 25.40
C GLY C 122 -38.90 -2.55 26.46
N GLU C 123 -37.99 -3.17 27.21
CA GLU C 123 -37.26 -2.44 28.23
C GLU C 123 -36.30 -1.43 27.58
N VAL C 124 -35.74 -1.78 26.40
CA VAL C 124 -34.94 -0.83 25.63
C VAL C 124 -35.45 -0.83 24.18
N ASP C 125 -34.93 0.08 23.36
CA ASP C 125 -35.45 0.26 22.01
C ASP C 125 -34.46 -0.28 20.97
N ALA C 126 -33.20 -0.46 21.37
CA ALA C 126 -32.22 -1.07 20.47
C ALA C 126 -31.03 -1.60 21.26
N VAL C 127 -30.22 -2.41 20.59
CA VAL C 127 -29.08 -3.06 21.21
C VAL C 127 -27.80 -2.67 20.47
N ILE C 128 -26.74 -2.44 21.25
CA ILE C 128 -25.40 -2.38 20.71
C ILE C 128 -24.60 -3.51 21.34
N ALA C 129 -23.96 -4.34 20.52
CA ALA C 129 -23.04 -5.37 20.99
C ALA C 129 -21.60 -4.89 20.80
N CYS C 130 -20.82 -4.92 21.89
CA CYS C 130 -19.38 -4.67 21.79
C CYS C 130 -18.73 -5.92 21.20
N PRO C 131 -17.45 -5.83 20.77
CA PRO C 131 -16.85 -6.89 19.94
C PRO C 131 -16.77 -8.24 20.65
N HIS C 132 -17.20 -9.29 19.93
CA HIS C 132 -17.10 -10.67 20.33
C HIS C 132 -15.76 -11.21 19.87
N HIS C 133 -15.51 -12.50 20.07
CA HIS C 133 -14.37 -13.15 19.46
C HIS C 133 -14.81 -14.52 18.95
N GLU C 134 -14.85 -14.70 17.63
CA GLU C 134 -15.42 -15.88 17.01
C GLU C 134 -14.84 -17.16 17.61
N THR C 135 -13.53 -17.14 17.85
CA THR C 135 -12.81 -18.32 18.31
C THR C 135 -13.23 -18.67 19.75
N ALA C 136 -13.44 -17.64 20.56
CA ALA C 136 -13.88 -17.78 21.93
C ALA C 136 -15.25 -18.43 21.96
N ILE C 137 -16.10 -18.06 20.99
CA ILE C 137 -17.47 -18.55 20.99
C ILE C 137 -17.47 -19.99 20.47
N HIS C 138 -16.67 -20.24 19.42
CA HIS C 138 -16.55 -21.57 18.84
C HIS C 138 -16.03 -22.54 19.91
N ARG C 139 -15.01 -22.10 20.65
CA ARG C 139 -14.38 -22.97 21.62
C ARG C 139 -15.35 -23.28 22.77
N ALA C 140 -16.42 -22.51 22.91
CA ALA C 140 -17.43 -22.80 23.91
C ALA C 140 -18.42 -23.86 23.42
N GLY C 141 -18.35 -24.23 22.13
CA GLY C 141 -19.25 -25.21 21.55
C GLY C 141 -20.51 -24.58 20.96
N ILE C 142 -20.52 -23.26 20.83
CA ILE C 142 -21.67 -22.53 20.33
C ILE C 142 -21.46 -22.22 18.85
N ALA C 143 -22.46 -22.59 18.04
CA ALA C 143 -22.56 -22.21 16.64
C ALA C 143 -22.83 -20.71 16.55
N PHE C 144 -21.98 -20.01 15.77
CA PHE C 144 -22.10 -18.58 15.60
C PHE C 144 -21.60 -18.19 14.22
N SER C 145 -22.46 -17.48 13.48
CA SER C 145 -22.15 -17.13 12.10
C SER C 145 -22.42 -15.64 11.89
N GLY C 146 -22.70 -14.94 13.00
CA GLY C 146 -23.00 -13.53 12.95
C GLY C 146 -24.17 -13.17 13.87
N TYR C 147 -24.40 -11.86 13.99
CA TYR C 147 -25.47 -11.33 14.81
C TYR C 147 -26.81 -11.67 14.20
N PRO C 148 -26.99 -11.63 12.85
CA PRO C 148 -28.26 -12.07 12.26
C PRO C 148 -28.71 -13.44 12.74
N SER C 149 -27.83 -14.45 12.66
CA SER C 149 -28.12 -15.79 13.19
C SER C 149 -28.46 -15.71 14.69
N LEU C 150 -27.56 -15.14 15.49
CA LEU C 150 -27.74 -15.15 16.94
C LEU C 150 -29.11 -14.56 17.29
N LEU C 151 -29.48 -13.49 16.57
CA LEU C 151 -30.71 -12.77 16.86
C LEU C 151 -31.89 -13.67 16.50
N ALA C 152 -31.77 -14.39 15.38
CA ALA C 152 -32.79 -15.31 14.91
C ALA C 152 -33.08 -16.37 15.97
N ASN C 153 -32.03 -17.06 16.40
CA ASN C 153 -32.11 -18.07 17.45
C ASN C 153 -32.81 -17.52 18.69
N VAL C 154 -32.37 -16.35 19.15
CA VAL C 154 -32.84 -15.83 20.41
C VAL C 154 -34.33 -15.48 20.34
N LEU C 155 -34.77 -14.91 19.21
CA LEU C 155 -36.13 -14.41 19.07
C LEU C 155 -37.09 -15.46 18.57
N GLY C 156 -36.60 -16.68 18.33
CA GLY C 156 -37.41 -17.80 17.86
C GLY C 156 -37.89 -17.63 16.42
N MET C 157 -37.02 -17.10 15.55
CA MET C 157 -37.30 -16.77 14.16
C MET C 157 -36.41 -17.60 13.23
N ASN C 158 -36.84 -17.77 11.98
CA ASN C 158 -35.97 -18.32 10.95
C ASN C 158 -34.97 -17.25 10.54
N GLU C 159 -33.86 -17.71 9.95
CA GLU C 159 -32.71 -16.86 9.70
C GLU C 159 -33.02 -15.85 8.60
N ASP C 160 -34.00 -16.18 7.75
CA ASP C 160 -34.39 -15.29 6.67
C ASP C 160 -35.68 -14.53 7.06
N GLU C 161 -35.88 -14.31 8.36
CA GLU C 161 -36.79 -13.27 8.82
C GLU C 161 -35.97 -12.17 9.49
N VAL C 162 -34.66 -12.39 9.62
CA VAL C 162 -33.75 -11.38 10.18
C VAL C 162 -32.86 -10.90 9.04
N PHE C 163 -32.77 -9.57 8.93
CA PHE C 163 -32.08 -8.97 7.81
C PHE C 163 -30.94 -8.10 8.32
N LEU C 164 -29.93 -7.93 7.46
CA LEU C 164 -28.83 -7.03 7.75
C LEU C 164 -29.05 -5.76 6.96
N MET C 165 -29.02 -4.62 7.68
CA MET C 165 -28.98 -3.31 7.06
C MET C 165 -27.62 -2.69 7.39
N LEU C 166 -26.84 -2.33 6.35
CA LEU C 166 -25.63 -1.55 6.54
C LEU C 166 -25.97 -0.07 6.54
N VAL C 167 -25.29 0.70 7.40
CA VAL C 167 -25.44 2.15 7.46
C VAL C 167 -24.06 2.81 7.43
N GLY C 168 -23.92 3.82 6.56
CA GLY C 168 -22.79 4.71 6.54
C GLY C 168 -22.80 5.63 5.32
N ALA C 169 -22.19 6.80 5.46
CA ALA C 169 -22.06 7.80 4.41
C ALA C 169 -23.43 8.22 3.90
N GLY C 170 -24.43 8.27 4.79
CA GLY C 170 -25.79 8.61 4.43
C GLY C 170 -26.59 7.44 3.84
N LEU C 171 -25.90 6.36 3.46
CA LEU C 171 -26.56 5.21 2.85
C LEU C 171 -27.09 4.29 3.94
N ARG C 172 -28.35 3.86 3.76
CA ARG C 172 -28.93 2.76 4.50
C ARG C 172 -29.34 1.73 3.45
N ILE C 173 -28.81 0.50 3.58
CA ILE C 173 -29.09 -0.57 2.63
C ILE C 173 -29.41 -1.87 3.39
N VAL C 174 -30.64 -2.38 3.22
CA VAL C 174 -31.04 -3.68 3.74
C VAL C 174 -30.81 -4.74 2.67
N HIS C 175 -30.51 -5.96 3.09
CA HIS C 175 -30.17 -7.05 2.17
C HIS C 175 -31.25 -8.13 2.22
N VAL C 176 -31.86 -8.45 1.08
CA VAL C 176 -32.88 -9.49 1.06
C VAL C 176 -32.22 -10.86 1.23
N THR C 177 -30.98 -11.01 0.74
CA THR C 177 -30.17 -12.18 1.03
C THR C 177 -28.78 -11.71 1.46
N LEU C 178 -27.97 -12.64 1.95
CA LEU C 178 -26.73 -12.33 2.64
C LEU C 178 -26.00 -13.65 2.84
N HIS C 179 -24.70 -13.67 2.59
CA HIS C 179 -23.87 -14.79 3.05
C HIS C 179 -24.41 -16.13 2.53
N GLU C 180 -24.74 -16.19 1.24
CA GLU C 180 -24.88 -17.45 0.54
C GLU C 180 -24.44 -17.23 -0.91
N SER C 181 -24.28 -18.33 -1.64
CA SER C 181 -23.89 -18.26 -3.04
C SER C 181 -24.95 -17.52 -3.81
N VAL C 182 -24.53 -16.90 -4.91
CA VAL C 182 -25.42 -16.21 -5.81
C VAL C 182 -26.57 -17.14 -6.24
N ARG C 183 -26.22 -18.38 -6.63
CA ARG C 183 -27.17 -19.39 -7.11
C ARG C 183 -28.19 -19.65 -6.01
N SER C 184 -27.67 -19.97 -4.82
CA SER C 184 -28.47 -20.26 -3.65
C SER C 184 -29.39 -19.07 -3.33
N ALA C 185 -28.84 -17.84 -3.35
CA ALA C 185 -29.59 -16.61 -3.12
C ALA C 185 -30.73 -16.48 -4.14
N LEU C 186 -30.42 -16.73 -5.43
CA LEU C 186 -31.42 -16.59 -6.47
C LEU C 186 -32.54 -17.61 -6.28
N GLU C 187 -32.18 -18.81 -5.79
CA GLU C 187 -33.16 -19.88 -5.57
C GLU C 187 -34.07 -19.51 -4.41
N ARG C 188 -33.61 -18.64 -3.50
CA ARG C 188 -34.34 -18.28 -2.30
C ARG C 188 -35.26 -17.09 -2.58
N LEU C 189 -34.86 -16.21 -3.51
CA LEU C 189 -35.53 -14.92 -3.68
C LEU C 189 -37.00 -15.14 -4.04
N SER C 190 -37.90 -14.43 -3.36
CA SER C 190 -39.32 -14.47 -3.68
C SER C 190 -39.92 -13.09 -3.44
N PRO C 191 -41.11 -12.77 -4.00
CA PRO C 191 -41.79 -11.52 -3.68
C PRO C 191 -41.92 -11.33 -2.17
N GLN C 192 -42.30 -12.40 -1.46
CA GLN C 192 -42.52 -12.33 -0.02
C GLN C 192 -41.23 -12.03 0.74
N LEU C 193 -40.09 -12.55 0.27
CA LEU C 193 -38.85 -12.33 1.00
C LEU C 193 -38.43 -10.88 0.91
N VAL C 194 -38.61 -10.28 -0.28
CA VAL C 194 -38.30 -8.89 -0.51
C VAL C 194 -39.17 -8.02 0.38
N ILE C 195 -40.46 -8.39 0.50
CA ILE C 195 -41.43 -7.63 1.27
C ILE C 195 -41.01 -7.62 2.74
N ASN C 196 -40.58 -8.79 3.23
CA ASN C 196 -40.21 -8.90 4.64
C ASN C 196 -39.01 -7.99 4.92
N ALA C 197 -38.08 -7.93 3.96
CA ALA C 197 -36.86 -7.15 4.13
C ALA C 197 -37.21 -5.66 4.25
N VAL C 198 -38.13 -5.23 3.39
CA VAL C 198 -38.50 -3.82 3.34
C VAL C 198 -39.25 -3.45 4.62
N ASP C 199 -40.29 -4.22 4.97
CA ASP C 199 -41.02 -4.05 6.21
C ASP C 199 -40.07 -3.85 7.39
N ALA C 200 -39.14 -4.81 7.58
CA ALA C 200 -38.23 -4.79 8.70
C ALA C 200 -37.38 -3.51 8.68
N ALA C 201 -36.95 -3.12 7.46
CA ALA C 201 -36.07 -1.98 7.28
C ALA C 201 -36.82 -0.66 7.45
N VAL C 202 -38.09 -0.64 7.06
CA VAL C 202 -38.93 0.54 7.20
C VAL C 202 -39.15 0.85 8.68
N GLN C 203 -39.52 -0.18 9.46
CA GLN C 203 -39.63 -0.05 10.91
C GLN C 203 -38.32 0.52 11.47
N THR C 204 -37.19 -0.07 11.05
CA THR C 204 -35.88 0.34 11.54
C THR C 204 -35.63 1.81 11.21
N CYS C 205 -36.12 2.26 10.04
CA CYS C 205 -35.98 3.65 9.64
C CYS C 205 -36.61 4.61 10.67
N THR C 206 -37.77 4.22 11.23
CA THR C 206 -38.38 5.01 12.29
C THR C 206 -37.41 5.22 13.44
N LEU C 207 -36.76 4.13 13.87
CA LEU C 207 -35.81 4.18 14.97
C LEU C 207 -34.70 5.17 14.63
N LEU C 208 -34.21 5.13 13.37
CA LEU C 208 -33.05 5.91 12.98
C LEU C 208 -33.41 7.37 12.76
N GLY C 209 -34.71 7.69 12.90
CA GLY C 209 -35.19 9.07 12.90
C GLY C 209 -35.70 9.54 11.53
N VAL C 210 -36.24 8.61 10.74
CA VAL C 210 -36.82 8.89 9.43
C VAL C 210 -38.18 8.22 9.36
N PRO C 211 -39.27 8.88 9.83
CA PRO C 211 -40.60 8.26 9.87
C PRO C 211 -41.10 7.71 8.55
N LYS C 212 -40.94 8.50 7.48
CA LYS C 212 -41.54 8.20 6.19
C LYS C 212 -40.44 8.13 5.14
N PRO C 213 -39.66 7.03 5.07
CA PRO C 213 -38.53 6.98 4.16
C PRO C 213 -38.92 6.74 2.70
N GLN C 214 -38.10 7.28 1.80
CA GLN C 214 -38.16 7.06 0.37
C GLN C 214 -37.26 5.86 0.05
N VAL C 215 -37.88 4.79 -0.48
CA VAL C 215 -37.23 3.50 -0.66
C VAL C 215 -36.93 3.27 -2.14
N ALA C 216 -35.74 2.73 -2.43
CA ALA C 216 -35.38 2.27 -3.77
C ALA C 216 -35.01 0.79 -3.71
N VAL C 217 -35.66 0.00 -4.57
CA VAL C 217 -35.39 -1.42 -4.65
C VAL C 217 -34.42 -1.69 -5.79
N PHE C 218 -33.30 -2.37 -5.50
CA PHE C 218 -32.35 -2.79 -6.52
C PHE C 218 -32.95 -3.88 -7.38
N GLY C 219 -32.52 -3.91 -8.66
CA GLY C 219 -32.85 -5.02 -9.53
C GLY C 219 -31.95 -6.22 -9.26
N ILE C 220 -32.53 -7.42 -9.41
CA ILE C 220 -31.76 -8.66 -9.34
C ILE C 220 -30.74 -8.65 -10.48
N ASN C 221 -31.25 -8.40 -11.70
CA ASN C 221 -30.43 -8.39 -12.90
C ASN C 221 -29.99 -6.97 -13.22
N PRO C 222 -28.89 -6.80 -13.99
CA PRO C 222 -28.45 -5.46 -14.38
C PRO C 222 -29.61 -4.65 -14.96
N HIS C 223 -29.68 -3.35 -14.61
CA HIS C 223 -30.71 -2.46 -15.10
C HIS C 223 -32.08 -3.04 -14.77
N ALA C 224 -32.15 -3.79 -13.65
CA ALA C 224 -33.41 -4.39 -13.23
C ALA C 224 -34.05 -5.18 -14.36
N SER C 225 -33.21 -5.92 -15.12
CA SER C 225 -33.63 -6.80 -16.20
C SER C 225 -33.88 -6.04 -17.50
N GLU C 226 -34.06 -4.70 -17.41
CA GLU C 226 -34.13 -3.84 -18.60
C GLU C 226 -35.30 -4.27 -19.49
N GLY C 227 -36.53 -4.19 -18.97
CA GLY C 227 -37.71 -4.63 -19.68
C GLY C 227 -37.73 -6.13 -19.98
N GLN C 228 -36.87 -6.88 -19.28
CA GLN C 228 -36.82 -8.34 -19.27
C GLN C 228 -35.95 -8.87 -20.39
N LEU C 229 -35.13 -7.97 -20.95
CA LEU C 229 -34.06 -8.29 -21.88
C LEU C 229 -32.97 -9.10 -21.16
N PHE C 230 -32.76 -8.83 -19.86
CA PHE C 230 -31.68 -9.49 -19.15
C PHE C 230 -32.24 -10.36 -18.03
N GLY C 231 -33.24 -11.20 -18.35
CA GLY C 231 -33.74 -12.18 -17.41
C GLY C 231 -35.16 -11.87 -16.96
N LEU C 232 -35.82 -12.88 -16.39
CA LEU C 232 -37.23 -12.81 -16.01
C LEU C 232 -37.37 -12.64 -14.50
N GLU C 233 -36.26 -12.79 -13.78
CA GLU C 233 -36.29 -12.77 -12.33
C GLU C 233 -36.97 -11.50 -11.81
N ASP C 234 -36.60 -10.32 -12.35
CA ASP C 234 -37.17 -9.07 -11.84
C ASP C 234 -38.69 -9.06 -12.00
N SER C 235 -39.20 -9.44 -13.16
CA SER C 235 -40.65 -9.50 -13.36
C SER C 235 -41.33 -10.53 -12.47
N GLN C 236 -40.58 -11.54 -12.02
CA GLN C 236 -41.14 -12.57 -11.14
C GLN C 236 -41.11 -12.13 -9.66
N ILE C 237 -40.14 -11.28 -9.28
CA ILE C 237 -39.74 -11.14 -7.90
C ILE C 237 -39.84 -9.69 -7.41
N THR C 238 -39.07 -8.79 -8.04
CA THR C 238 -38.95 -7.44 -7.50
C THR C 238 -40.16 -6.60 -7.89
N VAL C 239 -40.66 -6.83 -9.12
CA VAL C 239 -41.77 -6.07 -9.65
C VAL C 239 -43.04 -6.34 -8.84
N PRO C 240 -43.46 -7.62 -8.62
CA PRO C 240 -44.65 -7.86 -7.80
C PRO C 240 -44.49 -7.26 -6.39
N ALA C 241 -43.31 -7.45 -5.78
CA ALA C 241 -43.04 -7.02 -4.42
C ALA C 241 -43.18 -5.50 -4.27
N VAL C 242 -42.66 -4.74 -5.25
CA VAL C 242 -42.77 -3.30 -5.25
C VAL C 242 -44.25 -2.91 -5.30
N GLU C 243 -45.01 -3.58 -6.17
CA GLU C 243 -46.44 -3.33 -6.34
C GLU C 243 -47.16 -3.48 -4.99
N THR C 244 -46.89 -4.60 -4.29
CA THR C 244 -47.57 -4.88 -3.03
C THR C 244 -47.26 -3.79 -2.01
N LEU C 245 -46.01 -3.30 -2.02
CA LEU C 245 -45.55 -2.32 -1.05
C LEU C 245 -46.18 -0.95 -1.31
N ARG C 246 -46.27 -0.55 -2.59
CA ARG C 246 -46.97 0.68 -2.95
C ARG C 246 -48.43 0.59 -2.48
N LYS C 247 -49.07 -0.54 -2.77
CA LYS C 247 -50.46 -0.78 -2.40
C LYS C 247 -50.66 -0.60 -0.89
N ARG C 248 -49.70 -1.10 -0.08
CA ARG C 248 -49.74 -0.94 1.37
C ARG C 248 -49.46 0.51 1.78
N GLY C 249 -49.01 1.34 0.84
CA GLY C 249 -48.97 2.79 1.05
C GLY C 249 -47.55 3.35 1.18
N LEU C 250 -46.54 2.59 0.73
CA LEU C 250 -45.15 2.97 0.92
C LEU C 250 -44.65 3.71 -0.33
N THR C 251 -43.62 4.57 -0.12
CA THR C 251 -43.00 5.34 -1.19
C THR C 251 -41.78 4.59 -1.70
N VAL C 252 -41.98 3.75 -2.74
CA VAL C 252 -41.00 2.80 -3.25
C VAL C 252 -40.83 3.02 -4.74
N ASP C 253 -39.58 3.26 -5.16
CA ASP C 253 -39.23 3.36 -6.57
C ASP C 253 -38.51 2.06 -6.96
N GLY C 254 -38.76 1.60 -8.19
CA GLY C 254 -38.00 0.47 -8.69
C GLY C 254 -38.84 -0.74 -9.10
N PRO C 255 -38.21 -1.89 -9.43
CA PRO C 255 -36.75 -2.05 -9.30
C PRO C 255 -35.98 -1.23 -10.33
N MET C 256 -34.74 -0.88 -9.97
CA MET C 256 -33.88 -0.02 -10.76
C MET C 256 -32.48 -0.63 -10.66
N GLY C 257 -31.69 -0.49 -11.72
CA GLY C 257 -30.28 -0.84 -11.65
C GLY C 257 -29.63 -0.21 -10.43
N ALA C 258 -29.00 -1.04 -9.59
CA ALA C 258 -28.45 -0.58 -8.33
C ALA C 258 -27.48 0.58 -8.55
N ASP C 259 -26.64 0.43 -9.59
CA ASP C 259 -25.63 1.40 -9.97
C ASP C 259 -26.29 2.75 -10.23
N MET C 260 -27.46 2.72 -10.85
CA MET C 260 -28.11 3.92 -11.36
C MET C 260 -28.78 4.64 -10.18
N VAL C 261 -29.52 3.90 -9.35
CA VAL C 261 -30.35 4.47 -8.31
C VAL C 261 -29.52 4.98 -7.14
N LEU C 262 -28.41 4.29 -6.83
CA LEU C 262 -27.48 4.75 -5.80
C LEU C 262 -26.88 6.09 -6.20
N ALA C 263 -26.60 6.24 -7.50
CA ALA C 263 -25.92 7.41 -8.02
C ALA C 263 -26.76 8.67 -7.78
N GLN C 264 -28.09 8.54 -7.91
CA GLN C 264 -29.04 9.64 -7.76
C GLN C 264 -29.03 10.16 -6.32
N ARG C 265 -28.85 9.25 -5.37
CA ARG C 265 -28.56 9.56 -3.98
C ARG C 265 -29.71 10.39 -3.41
N LYS C 266 -30.94 9.90 -3.58
CA LYS C 266 -32.14 10.63 -3.20
C LYS C 266 -33.16 9.73 -2.50
N HIS C 267 -32.66 8.66 -1.87
CA HIS C 267 -33.50 7.71 -1.16
C HIS C 267 -32.94 7.54 0.25
N ASP C 268 -33.82 7.18 1.19
CA ASP C 268 -33.42 7.09 2.59
C ASP C 268 -33.03 5.66 2.92
N LEU C 269 -33.45 4.72 2.05
CA LEU C 269 -33.28 3.30 2.24
C LEU C 269 -33.21 2.60 0.88
N TYR C 270 -32.15 1.83 0.69
CA TYR C 270 -32.01 1.02 -0.52
C TYR C 270 -32.19 -0.45 -0.15
N VAL C 271 -32.74 -1.22 -1.08
CA VAL C 271 -33.02 -2.63 -0.83
C VAL C 271 -32.17 -3.44 -1.79
N ALA C 272 -31.18 -4.14 -1.26
CA ALA C 272 -30.29 -4.89 -2.14
C ALA C 272 -30.72 -6.35 -2.19
N MET C 273 -30.64 -6.93 -3.39
CA MET C 273 -31.02 -8.33 -3.57
C MET C 273 -29.89 -9.24 -3.09
N LEU C 274 -28.64 -8.78 -3.29
CA LEU C 274 -27.46 -9.60 -3.08
C LEU C 274 -26.47 -8.85 -2.21
N HIS C 275 -25.76 -9.61 -1.39
CA HIS C 275 -24.75 -9.11 -0.48
C HIS C 275 -23.91 -8.03 -1.16
N ASP C 276 -23.28 -8.38 -2.29
CA ASP C 276 -22.29 -7.51 -2.91
C ASP C 276 -22.92 -6.18 -3.30
N GLN C 277 -24.17 -6.21 -3.76
CA GLN C 277 -24.83 -4.99 -4.20
C GLN C 277 -24.80 -3.95 -3.09
N GLY C 278 -25.07 -4.36 -1.85
CA GLY C 278 -25.17 -3.43 -0.74
C GLY C 278 -23.81 -3.12 -0.11
N HIS C 279 -22.90 -4.09 -0.14
CA HIS C 279 -21.70 -4.05 0.68
C HIS C 279 -20.63 -3.18 0.01
N ILE C 280 -20.57 -3.25 -1.32
CA ILE C 280 -19.59 -2.50 -2.08
C ILE C 280 -19.75 -1.01 -1.84
N PRO C 281 -20.94 -0.40 -2.07
CA PRO C 281 -21.12 1.04 -1.87
C PRO C 281 -20.74 1.50 -0.47
N ILE C 282 -21.25 0.77 0.54
CA ILE C 282 -21.06 1.14 1.93
C ILE C 282 -19.57 1.17 2.25
N LYS C 283 -18.86 0.11 1.86
CA LYS C 283 -17.50 -0.09 2.34
C LYS C 283 -16.54 0.78 1.57
N LEU C 284 -16.92 1.12 0.33
CA LEU C 284 -16.12 1.97 -0.53
C LEU C 284 -16.16 3.41 -0.02
N LEU C 285 -17.36 3.88 0.39
CA LEU C 285 -17.57 5.24 0.85
C LEU C 285 -17.28 5.38 2.35
N ALA C 286 -17.35 4.29 3.13
CA ALA C 286 -17.20 4.42 4.57
C ALA C 286 -16.49 3.19 5.12
N PRO C 287 -15.20 2.93 4.81
CA PRO C 287 -14.53 1.69 5.26
C PRO C 287 -14.26 1.59 6.77
N ASN C 288 -14.46 2.69 7.52
CA ASN C 288 -14.44 2.59 8.97
C ASN C 288 -15.57 3.41 9.60
N GLY C 289 -16.60 3.75 8.82
CA GLY C 289 -17.82 4.34 9.37
C GLY C 289 -19.05 3.47 9.13
N ALA C 290 -18.85 2.14 9.11
CA ALA C 290 -19.91 1.21 8.70
C ALA C 290 -20.54 0.63 9.96
N SER C 291 -21.86 0.78 10.10
CA SER C 291 -22.58 0.07 11.15
C SER C 291 -23.38 -1.06 10.51
N ALA C 292 -23.35 -2.25 11.13
CA ALA C 292 -24.09 -3.42 10.65
C ALA C 292 -25.24 -3.70 11.61
N LEU C 293 -26.49 -3.45 11.15
CA LEU C 293 -27.66 -3.62 12.00
C LEU C 293 -28.37 -4.92 11.63
N SER C 294 -28.52 -5.80 12.63
CA SER C 294 -29.40 -6.94 12.51
C SER C 294 -30.80 -6.56 12.98
N ILE C 295 -31.79 -6.81 12.10
CA ILE C 295 -33.15 -6.35 12.34
C ILE C 295 -34.06 -7.57 12.32
N GLY C 296 -34.79 -7.75 13.44
CA GLY C 296 -35.69 -8.88 13.62
C GLY C 296 -36.75 -8.59 14.69
N GLY C 297 -38.01 -8.85 14.35
CA GLY C 297 -39.13 -8.34 15.13
C GLY C 297 -38.96 -6.83 15.33
N ARG C 298 -38.99 -6.40 16.60
CA ARG C 298 -38.80 -5.00 16.95
C ARG C 298 -37.35 -4.74 17.36
N VAL C 299 -36.48 -5.76 17.24
CA VAL C 299 -35.12 -5.67 17.76
C VAL C 299 -34.16 -5.19 16.67
N VAL C 300 -33.41 -4.13 17.01
CA VAL C 300 -32.32 -3.65 16.18
C VAL C 300 -31.04 -3.85 16.99
N LEU C 301 -30.17 -4.73 16.49
CA LEU C 301 -28.86 -4.94 17.10
C LEU C 301 -27.79 -4.45 16.13
N SER C 302 -26.93 -3.56 16.63
CA SER C 302 -25.78 -3.13 15.85
C SER C 302 -24.50 -3.60 16.51
N SER C 303 -23.53 -4.00 15.67
CA SER C 303 -22.20 -4.29 16.18
C SER C 303 -21.40 -3.00 16.15
N VAL C 304 -20.13 -3.09 16.55
CA VAL C 304 -19.25 -1.93 16.60
C VAL C 304 -18.34 -1.96 15.37
N GLY C 305 -18.35 -3.09 14.65
CA GLY C 305 -17.67 -3.20 13.37
C GLY C 305 -16.15 -3.32 13.47
N HIS C 306 -15.64 -3.66 14.66
CA HIS C 306 -14.23 -4.00 14.79
C HIS C 306 -14.12 -5.18 15.75
N GLY C 307 -12.98 -5.88 15.70
CA GLY C 307 -12.74 -7.05 16.55
C GLY C 307 -12.49 -6.67 18.00
N SER C 308 -12.16 -7.67 18.80
CA SER C 308 -12.08 -7.54 20.25
C SER C 308 -10.67 -7.09 20.63
N ALA C 309 -9.78 -6.99 19.64
CA ALA C 309 -8.43 -6.46 19.80
C ALA C 309 -7.72 -7.04 21.01
N MET C 310 -7.53 -8.36 21.01
CA MET C 310 -6.99 -9.07 22.17
C MET C 310 -5.58 -8.57 22.51
N ASP C 311 -4.83 -8.15 21.50
CA ASP C 311 -3.46 -7.69 21.66
C ASP C 311 -3.32 -6.43 22.51
N ILE C 312 -4.39 -5.62 22.65
CA ILE C 312 -4.32 -4.38 23.42
C ILE C 312 -5.23 -4.43 24.64
N ALA C 313 -5.83 -5.60 24.89
CA ALA C 313 -6.87 -5.69 25.90
C ALA C 313 -6.25 -5.57 27.28
N GLY C 314 -6.79 -4.62 28.05
CA GLY C 314 -6.30 -4.29 29.38
C GLY C 314 -5.02 -3.47 29.36
N ARG C 315 -4.70 -2.87 28.21
CA ARG C 315 -3.50 -2.07 28.08
C ARG C 315 -3.87 -0.58 28.03
N GLY C 316 -5.17 -0.29 28.10
CA GLY C 316 -5.70 1.05 28.25
C GLY C 316 -5.45 1.94 27.02
N VAL C 317 -5.46 1.33 25.83
CA VAL C 317 -5.12 2.04 24.61
C VAL C 317 -6.28 2.06 23.62
N ALA C 318 -7.49 1.63 24.03
CA ALA C 318 -8.54 1.37 23.07
C ALA C 318 -9.45 2.58 22.91
N ASP C 319 -9.78 2.93 21.66
CA ASP C 319 -10.56 4.12 21.34
C ASP C 319 -12.04 3.76 21.28
N ALA C 320 -12.92 4.58 21.88
CA ALA C 320 -14.35 4.29 21.93
C ALA C 320 -15.12 5.01 20.83
N THR C 321 -14.38 5.65 19.90
CA THR C 321 -14.97 6.42 18.80
C THR C 321 -16.01 5.60 18.04
N ALA C 322 -15.67 4.36 17.67
CA ALA C 322 -16.58 3.54 16.87
C ALA C 322 -17.86 3.24 17.66
N LEU C 323 -17.71 2.95 18.96
CA LEU C 323 -18.85 2.74 19.84
C LEU C 323 -19.67 4.02 19.94
N LEU C 324 -19.02 5.17 20.20
CA LEU C 324 -19.76 6.42 20.30
C LEU C 324 -20.57 6.67 19.03
N ARG C 325 -20.00 6.37 17.87
CA ARG C 325 -20.69 6.63 16.60
C ARG C 325 -21.91 5.72 16.47
N THR C 326 -21.79 4.49 17.00
CA THR C 326 -22.86 3.50 16.96
C THR C 326 -24.00 3.96 17.87
N ILE C 327 -23.61 4.52 19.02
CA ILE C 327 -24.55 5.09 19.96
C ILE C 327 -25.28 6.27 19.32
N ALA C 328 -24.53 7.18 18.67
CA ALA C 328 -25.11 8.33 17.98
C ALA C 328 -26.13 7.87 16.94
N LEU C 329 -25.84 6.76 16.26
CA LEU C 329 -26.67 6.24 15.19
C LEU C 329 -28.00 5.72 15.73
N LEU C 330 -27.94 4.79 16.69
CA LEU C 330 -29.13 4.22 17.29
C LEU C 330 -29.81 5.21 18.25
N GLY C 331 -29.18 6.34 18.57
CA GLY C 331 -29.66 7.13 19.69
C GLY C 331 -30.50 8.38 19.37
N ALA C 332 -31.05 8.54 18.15
CA ALA C 332 -31.63 9.83 17.76
C ALA C 332 -33.16 9.83 17.70
N GLN C 333 -33.79 10.98 17.90
CA GLN C 333 -35.24 11.10 17.75
C GLN C 333 -35.58 11.86 16.46
N MET D 21 2.65 19.37 29.57
CA MET D 21 2.47 19.96 28.20
C MET D 21 3.52 19.35 27.27
N THR D 22 4.83 19.63 27.48
CA THR D 22 5.92 19.17 26.63
C THR D 22 6.55 17.91 27.23
N ILE D 23 6.65 16.84 26.43
CA ILE D 23 7.14 15.58 26.96
C ILE D 23 8.43 15.13 26.31
N VAL D 24 8.82 15.76 25.18
CA VAL D 24 10.02 15.38 24.44
C VAL D 24 11.13 16.41 24.64
N HIS D 25 12.21 16.00 25.33
CA HIS D 25 13.28 16.95 25.64
C HIS D 25 14.61 16.52 25.03
N ARG D 26 14.57 15.54 24.14
CA ARG D 26 15.79 15.07 23.48
C ARG D 26 15.43 14.35 22.18
N ARG D 27 16.46 13.92 21.46
CA ARG D 27 16.28 13.32 20.16
C ARG D 27 16.00 11.83 20.33
N LEU D 28 14.97 11.37 19.60
CA LEU D 28 14.49 10.01 19.73
C LEU D 28 14.33 9.41 18.33
N ALA D 29 14.64 8.11 18.22
CA ALA D 29 14.30 7.33 17.04
C ALA D 29 13.05 6.53 17.34
N LEU D 30 12.09 6.60 16.41
CA LEU D 30 10.86 5.84 16.58
C LEU D 30 10.72 4.84 15.44
N ALA D 31 10.90 3.55 15.73
CA ALA D 31 10.69 2.50 14.73
C ALA D 31 9.22 2.11 14.74
N ILE D 32 8.59 2.02 13.57
CA ILE D 32 7.14 1.93 13.52
C ILE D 32 6.64 0.49 13.70
N GLY D 33 7.56 -0.44 13.93
CA GLY D 33 7.19 -1.83 14.17
C GLY D 33 6.61 -2.50 12.92
N ASP D 34 5.73 -3.47 13.13
CA ASP D 34 5.14 -4.21 12.03
C ASP D 34 4.29 -3.26 11.19
N PRO D 35 4.63 -3.08 9.90
CA PRO D 35 3.93 -2.12 9.04
C PRO D 35 2.49 -2.52 8.75
N HIS D 36 2.12 -3.74 9.14
CA HIS D 36 0.78 -4.26 8.95
C HIS D 36 -0.04 -4.11 10.22
N GLY D 37 0.61 -3.95 11.38
CA GLY D 37 -0.12 -3.77 12.62
C GLY D 37 -0.46 -2.29 12.88
N ILE D 38 -0.66 -1.97 14.16
CA ILE D 38 -1.17 -0.66 14.56
C ILE D 38 -0.04 0.34 14.77
N GLY D 39 1.21 -0.13 14.70
CA GLY D 39 2.39 0.68 14.93
C GLY D 39 2.33 1.98 14.12
N PRO D 40 2.27 1.92 12.78
CA PRO D 40 2.24 3.13 11.95
C PRO D 40 1.18 4.13 12.44
N GLU D 41 -0.02 3.61 12.69
CA GLU D 41 -1.15 4.44 13.04
C GLU D 41 -0.93 5.10 14.41
N ILE D 42 -0.46 4.35 15.41
CA ILE D 42 -0.20 4.95 16.70
C ILE D 42 1.04 5.86 16.62
N ALA D 43 1.95 5.58 15.68
CA ALA D 43 3.07 6.50 15.51
C ALA D 43 2.53 7.85 15.08
N LEU D 44 1.59 7.89 14.12
CA LEU D 44 1.01 9.14 13.65
C LEU D 44 0.23 9.84 14.77
N LYS D 45 -0.58 9.09 15.52
CA LYS D 45 -1.41 9.69 16.54
C LYS D 45 -0.54 10.31 17.63
N ALA D 46 0.58 9.65 17.97
CA ALA D 46 1.48 10.19 18.98
C ALA D 46 2.12 11.48 18.50
N LEU D 47 2.63 11.47 17.24
CA LEU D 47 3.31 12.64 16.72
C LEU D 47 2.33 13.82 16.62
N GLN D 48 1.07 13.51 16.23
CA GLN D 48 0.01 14.49 16.15
C GLN D 48 -0.08 15.31 17.43
N GLN D 49 -0.04 14.61 18.57
CA GLN D 49 -0.31 15.22 19.87
C GLN D 49 0.85 16.08 20.36
N LEU D 50 2.01 15.97 19.72
CA LEU D 50 3.16 16.76 20.13
C LEU D 50 3.13 18.12 19.44
N SER D 51 3.88 19.08 20.00
CA SER D 51 4.08 20.37 19.35
C SER D 51 5.03 20.16 18.16
N ALA D 52 5.21 21.23 17.35
CA ALA D 52 6.13 21.18 16.22
C ALA D 52 7.56 20.99 16.71
N THR D 53 7.95 21.71 17.77
CA THR D 53 9.31 21.57 18.30
C THR D 53 9.58 20.12 18.71
N GLU D 54 8.57 19.47 19.30
CA GLU D 54 8.73 18.11 19.77
C GLU D 54 8.84 17.15 18.59
N ARG D 55 8.04 17.41 17.55
CA ARG D 55 8.03 16.53 16.38
C ARG D 55 9.40 16.50 15.74
N SER D 56 10.11 17.63 15.78
CA SER D 56 11.37 17.74 15.05
C SER D 56 12.51 17.05 15.80
N LEU D 57 12.21 16.56 17.02
CA LEU D 57 13.14 15.78 17.80
C LEU D 57 12.93 14.28 17.61
N ILE D 58 11.84 13.89 16.93
CA ILE D 58 11.57 12.48 16.73
C ILE D 58 11.78 12.10 15.26
N LYS D 59 12.80 11.26 15.02
CA LYS D 59 13.05 10.72 13.71
C LYS D 59 12.42 9.33 13.58
N VAL D 60 11.62 9.14 12.54
CA VAL D 60 10.79 7.96 12.35
C VAL D 60 11.45 6.96 11.41
N TYR D 61 11.53 5.71 11.81
CA TYR D 61 12.14 4.69 10.95
C TYR D 61 11.11 3.64 10.54
N GLY D 62 10.97 3.45 9.23
CA GLY D 62 10.00 2.52 8.68
C GLY D 62 9.73 2.78 7.21
N PRO D 63 8.93 1.91 6.54
CA PRO D 63 8.51 2.16 5.17
C PRO D 63 7.59 3.37 5.10
N TRP D 64 7.93 4.31 4.23
CA TRP D 64 7.08 5.46 3.99
C TRP D 64 5.69 4.99 3.61
N SER D 65 5.61 3.93 2.79
CA SER D 65 4.35 3.40 2.30
C SER D 65 3.37 3.10 3.43
N ALA D 66 3.86 2.56 4.56
CA ALA D 66 3.01 2.22 5.69
C ALA D 66 2.50 3.49 6.37
N LEU D 67 3.33 4.52 6.42
CA LEU D 67 2.90 5.75 7.07
C LEU D 67 1.90 6.46 6.16
N GLU D 68 2.12 6.37 4.83
CA GLU D 68 1.21 6.95 3.87
C GLU D 68 -0.17 6.31 3.97
N GLN D 69 -0.19 4.97 3.93
CA GLN D 69 -1.37 4.13 4.16
C GLN D 69 -2.06 4.55 5.45
N ALA D 70 -1.34 4.56 6.57
CA ALA D 70 -1.90 4.91 7.87
C ALA D 70 -2.51 6.31 7.84
N ALA D 71 -1.85 7.24 7.14
CA ALA D 71 -2.26 8.65 7.14
C ALA D 71 -3.57 8.81 6.38
N GLN D 72 -3.70 8.08 5.25
CA GLN D 72 -4.92 8.04 4.45
C GLN D 72 -6.09 7.66 5.35
N ILE D 73 -5.95 6.51 6.00
CA ILE D 73 -6.95 5.91 6.87
C ILE D 73 -7.36 6.86 7.99
N CYS D 74 -6.39 7.48 8.68
CA CYS D 74 -6.68 8.31 9.86
C CYS D 74 -6.99 9.77 9.47
N GLN D 75 -6.79 10.11 8.20
CA GLN D 75 -7.06 11.44 7.67
C GLN D 75 -6.13 12.45 8.33
N MET D 76 -4.83 12.15 8.28
CA MET D 76 -3.77 12.90 8.93
C MET D 76 -2.64 13.17 7.94
N GLU D 77 -2.97 13.29 6.65
CA GLU D 77 -1.97 13.50 5.61
C GLU D 77 -1.16 14.76 5.92
N SER D 78 -1.80 15.78 6.48
CA SER D 78 -1.15 17.06 6.75
C SER D 78 0.03 16.89 7.71
N LEU D 79 0.12 15.74 8.38
CA LEU D 79 1.16 15.56 9.38
C LEU D 79 2.45 15.05 8.74
N LEU D 80 2.35 14.42 7.57
CA LEU D 80 3.45 13.66 6.96
C LEU D 80 4.58 14.58 6.49
N GLN D 81 4.24 15.84 6.18
CA GLN D 81 5.20 16.83 5.73
C GLN D 81 6.11 17.28 6.86
N ASP D 82 5.64 17.23 8.12
CA ASP D 82 6.41 17.73 9.25
C ASP D 82 7.21 16.63 9.91
N LEU D 83 7.37 15.51 9.20
CA LEU D 83 7.91 14.31 9.83
C LEU D 83 9.37 14.16 9.43
N ILE D 84 10.25 14.01 10.43
CA ILE D 84 11.60 13.57 10.11
C ILE D 84 11.55 12.06 9.91
N HIS D 85 11.89 11.61 8.71
CA HIS D 85 11.74 10.20 8.38
C HIS D 85 12.99 9.65 7.68
N GLU D 86 13.36 8.41 8.01
CA GLU D 86 14.34 7.70 7.22
C GLU D 86 13.72 6.38 6.80
N GLU D 87 13.65 6.16 5.48
CA GLU D 87 13.17 4.92 4.91
C GLU D 87 13.95 3.76 5.50
N ALA D 88 13.24 2.69 5.88
CA ALA D 88 13.81 1.46 6.40
C ALA D 88 12.69 0.43 6.33
N GLY D 89 13.05 -0.82 6.05
CA GLY D 89 12.05 -1.88 6.03
C GLY D 89 11.02 -1.61 4.93
N SER D 90 11.49 -1.11 3.80
CA SER D 90 10.71 -0.96 2.59
C SER D 90 10.10 -2.32 2.25
N LEU D 91 8.87 -2.29 1.75
CA LEU D 91 8.12 -3.47 1.36
C LEU D 91 8.17 -3.56 -0.17
N ALA D 92 7.91 -4.77 -0.71
CA ALA D 92 8.00 -5.04 -2.14
C ALA D 92 6.61 -4.95 -2.80
N GLN D 93 5.58 -4.78 -1.98
CA GLN D 93 4.19 -4.68 -2.40
C GLN D 93 3.52 -3.70 -1.45
N PRO D 94 2.30 -3.19 -1.74
CA PRO D 94 1.56 -2.36 -0.77
C PRO D 94 1.34 -3.03 0.59
N VAL D 95 1.03 -2.20 1.57
CA VAL D 95 0.64 -2.60 2.92
C VAL D 95 -0.71 -3.32 2.85
N GLN D 96 -0.79 -4.46 3.55
CA GLN D 96 -2.02 -5.21 3.77
C GLN D 96 -2.29 -5.24 5.28
N CYS D 97 -3.11 -4.34 5.79
CA CYS D 97 -3.34 -4.23 7.25
C CYS D 97 -3.93 -5.54 7.77
N GLY D 98 -3.47 -6.01 8.93
CA GLY D 98 -4.09 -7.15 9.60
C GLY D 98 -3.51 -8.51 9.17
N GLU D 99 -2.68 -8.52 8.11
CA GLU D 99 -2.11 -9.76 7.63
C GLU D 99 -0.74 -10.00 8.27
N ILE D 100 -0.51 -11.24 8.72
CA ILE D 100 0.80 -11.69 9.19
C ILE D 100 1.60 -12.13 7.97
N THR D 101 2.62 -11.36 7.57
CA THR D 101 3.41 -11.74 6.41
C THR D 101 4.90 -11.72 6.74
N PRO D 102 5.70 -12.68 6.22
CA PRO D 102 7.16 -12.64 6.33
C PRO D 102 7.76 -11.28 6.00
N GLN D 103 7.16 -10.59 5.03
CA GLN D 103 7.66 -9.31 4.55
C GLN D 103 7.59 -8.26 5.66
N ALA D 104 6.51 -8.29 6.44
CA ALA D 104 6.26 -7.28 7.44
C ALA D 104 7.16 -7.54 8.65
N GLY D 105 7.49 -8.82 8.81
CA GLY D 105 8.46 -9.27 9.80
C GLY D 105 9.85 -8.73 9.53
N LEU D 106 10.30 -8.85 8.27
CA LEU D 106 11.59 -8.33 7.84
C LEU D 106 11.59 -6.82 8.03
N SER D 107 10.49 -6.18 7.60
CA SER D 107 10.36 -4.73 7.71
C SER D 107 10.61 -4.31 9.16
N THR D 108 9.88 -4.96 10.08
CA THR D 108 9.90 -4.62 11.49
C THR D 108 11.36 -4.53 11.96
N VAL D 109 12.13 -5.57 11.63
CA VAL D 109 13.46 -5.78 12.16
C VAL D 109 14.42 -4.79 11.49
N GLN D 110 14.19 -4.55 10.20
CA GLN D 110 14.99 -3.60 9.44
C GLN D 110 14.81 -2.20 10.04
N SER D 111 13.54 -1.85 10.33
CA SER D 111 13.23 -0.56 10.95
C SER D 111 13.88 -0.41 12.33
N ALA D 112 13.77 -1.44 13.16
CA ALA D 112 14.33 -1.30 14.50
C ALA D 112 15.86 -1.25 14.42
N THR D 113 16.43 -2.01 13.47
CA THR D 113 17.87 -2.02 13.24
C THR D 113 18.38 -0.64 12.82
N ALA D 114 17.60 0.05 11.97
CA ALA D 114 18.02 1.38 11.54
C ALA D 114 17.84 2.39 12.69
N ALA D 115 16.84 2.17 13.54
CA ALA D 115 16.66 3.10 14.66
C ALA D 115 17.82 2.97 15.64
N ILE D 116 18.16 1.70 15.93
CA ILE D 116 19.24 1.36 16.85
C ILE D 116 20.55 1.93 16.32
N ARG D 117 20.80 1.83 15.01
CA ARG D 117 22.06 2.27 14.41
C ARG D 117 22.18 3.80 14.51
N ALA D 118 21.04 4.48 14.44
CA ALA D 118 21.01 5.92 14.57
C ALA D 118 21.32 6.35 16.00
N CYS D 119 20.99 5.46 16.97
CA CYS D 119 21.27 5.76 18.36
C CYS D 119 22.75 5.51 18.62
N GLU D 120 23.25 4.41 18.06
CA GLU D 120 24.64 3.97 18.20
C GLU D 120 25.59 5.00 17.63
N SER D 121 25.16 5.69 16.56
CA SER D 121 26.02 6.65 15.87
C SER D 121 25.98 7.98 16.61
N GLY D 122 24.96 8.18 17.44
CA GLY D 122 24.82 9.41 18.20
C GLY D 122 23.83 10.39 17.55
N GLU D 123 23.15 9.95 16.49
CA GLU D 123 22.17 10.84 15.86
C GLU D 123 20.98 11.06 16.80
N VAL D 124 20.60 10.02 17.56
CA VAL D 124 19.54 10.14 18.56
C VAL D 124 20.06 9.59 19.88
N ASP D 125 19.30 9.82 20.96
CA ASP D 125 19.77 9.46 22.31
C ASP D 125 19.04 8.24 22.84
N ALA D 126 17.90 7.91 22.24
CA ALA D 126 17.21 6.69 22.62
C ALA D 126 16.30 6.22 21.50
N VAL D 127 15.86 4.97 21.61
CA VAL D 127 15.01 4.34 20.62
C VAL D 127 13.70 3.89 21.28
N ILE D 128 12.60 4.09 20.55
CA ILE D 128 11.36 3.44 20.86
C ILE D 128 10.97 2.55 19.68
N ALA D 129 10.68 1.27 19.96
CA ALA D 129 10.10 0.39 18.94
C ALA D 129 8.60 0.24 19.15
N CYS D 130 7.81 0.53 18.10
CA CYS D 130 6.39 0.21 18.09
C CYS D 130 6.21 -1.30 17.93
N PRO D 131 4.99 -1.83 18.16
CA PRO D 131 4.79 -3.28 18.31
C PRO D 131 5.17 -4.08 17.08
N HIS D 132 5.95 -5.14 17.29
CA HIS D 132 6.34 -6.12 16.28
C HIS D 132 5.28 -7.23 16.28
N HIS D 133 5.50 -8.27 15.48
CA HIS D 133 4.71 -9.48 15.54
C HIS D 133 5.66 -10.67 15.42
N GLU D 134 5.83 -11.43 16.51
CA GLU D 134 6.82 -12.50 16.59
C GLU D 134 6.66 -13.47 15.42
N THR D 135 5.41 -13.79 15.07
CA THR D 135 5.12 -14.79 14.06
C THR D 135 5.56 -14.31 12.68
N ALA D 136 5.35 -13.00 12.43
CA ALA D 136 5.76 -12.35 11.20
C ALA D 136 7.26 -12.41 11.05
N ILE D 137 7.97 -12.27 12.17
CA ILE D 137 9.43 -12.23 12.16
C ILE D 137 9.95 -13.64 11.94
N HIS D 138 9.34 -14.60 12.65
CA HIS D 138 9.73 -16.00 12.57
C HIS D 138 9.54 -16.49 11.14
N ARG D 139 8.39 -16.13 10.56
CA ARG D 139 8.08 -16.63 9.23
C ARG D 139 9.02 -16.03 8.18
N ALA D 140 9.75 -14.96 8.53
CA ALA D 140 10.75 -14.40 7.63
C ALA D 140 12.06 -15.17 7.73
N GLY D 141 12.20 -16.08 8.69
CA GLY D 141 13.44 -16.82 8.90
C GLY D 141 14.40 -16.13 9.87
N ILE D 142 13.93 -15.11 10.58
CA ILE D 142 14.76 -14.34 11.48
C ILE D 142 14.52 -14.80 12.91
N ALA D 143 15.61 -15.12 13.61
CA ALA D 143 15.59 -15.38 15.04
C ALA D 143 15.32 -14.07 15.79
N PHE D 144 14.32 -14.09 16.68
CA PHE D 144 13.98 -12.96 17.53
C PHE D 144 13.40 -13.50 18.83
N SER D 145 13.95 -13.05 19.96
CA SER D 145 13.61 -13.58 21.26
C SER D 145 13.34 -12.43 22.23
N GLY D 146 13.32 -11.19 21.70
CA GLY D 146 13.17 -9.99 22.50
C GLY D 146 14.16 -8.89 22.10
N TYR D 147 13.90 -7.68 22.59
CA TYR D 147 14.65 -6.48 22.26
C TYR D 147 16.04 -6.58 22.85
N PRO D 148 16.24 -7.09 24.08
CA PRO D 148 17.61 -7.26 24.60
C PRO D 148 18.54 -8.00 23.63
N SER D 149 18.09 -9.19 23.15
CA SER D 149 18.81 -9.96 22.14
C SER D 149 19.03 -9.10 20.90
N LEU D 150 17.95 -8.58 20.29
CA LEU D 150 18.05 -7.86 19.02
C LEU D 150 19.10 -6.78 19.14
N LEU D 151 19.12 -6.09 20.28
CA LEU D 151 20.00 -4.96 20.47
C LEU D 151 21.44 -5.48 20.53
N ALA D 152 21.62 -6.60 21.23
CA ALA D 152 22.94 -7.23 21.38
C ALA D 152 23.54 -7.55 20.01
N ASN D 153 22.75 -8.29 19.22
CA ASN D 153 23.10 -8.69 17.88
C ASN D 153 23.52 -7.46 17.05
N VAL D 154 22.69 -6.43 17.07
CA VAL D 154 22.90 -5.29 16.20
C VAL D 154 24.16 -4.52 16.57
N LEU D 155 24.45 -4.40 17.88
CA LEU D 155 25.57 -3.61 18.35
C LEU D 155 26.88 -4.40 18.42
N GLY D 156 26.83 -5.69 18.04
CA GLY D 156 27.99 -6.56 18.01
C GLY D 156 28.48 -6.93 19.40
N MET D 157 27.54 -7.13 20.35
CA MET D 157 27.83 -7.32 21.76
C MET D 157 27.32 -8.68 22.20
N ASN D 158 27.88 -9.22 23.30
CA ASN D 158 27.26 -10.37 23.94
C ASN D 158 25.98 -9.92 24.63
N GLU D 159 25.05 -10.87 24.75
CA GLU D 159 23.73 -10.61 25.27
C GLU D 159 23.80 -10.21 26.74
N ASP D 160 24.91 -10.51 27.41
CA ASP D 160 25.09 -10.18 28.81
C ASP D 160 25.93 -8.91 28.98
N GLU D 161 26.06 -8.11 27.90
CA GLU D 161 26.55 -6.73 28.02
C GLU D 161 25.40 -5.76 27.72
N VAL D 162 24.25 -6.34 27.37
CA VAL D 162 23.00 -5.59 27.32
C VAL D 162 22.18 -5.99 28.54
N PHE D 163 21.60 -5.00 29.21
CA PHE D 163 20.86 -5.26 30.41
C PHE D 163 19.43 -4.76 30.22
N LEU D 164 18.50 -5.39 30.93
CA LEU D 164 17.11 -4.97 30.93
C LEU D 164 16.88 -4.22 32.24
N MET D 165 16.34 -3.00 32.11
CA MET D 165 15.83 -2.27 33.26
C MET D 165 14.32 -2.15 33.09
N LEU D 166 13.56 -2.65 34.07
CA LEU D 166 12.12 -2.45 34.13
C LEU D 166 11.84 -1.13 34.88
N VAL D 167 10.84 -0.39 34.42
CA VAL D 167 10.43 0.87 35.04
C VAL D 167 8.91 0.87 35.23
N GLY D 168 8.45 1.14 36.45
CA GLY D 168 7.02 1.10 36.77
C GLY D 168 6.74 1.36 38.24
N ALA D 169 5.70 2.17 38.50
CA ALA D 169 5.23 2.49 39.84
C ALA D 169 6.35 3.13 40.65
N GLY D 170 7.18 3.95 39.99
CA GLY D 170 8.29 4.63 40.65
C GLY D 170 9.54 3.74 40.82
N LEU D 171 9.41 2.44 40.55
CA LEU D 171 10.57 1.55 40.65
C LEU D 171 11.33 1.56 39.33
N ARG D 172 12.65 1.65 39.41
CA ARG D 172 13.55 1.32 38.33
C ARG D 172 14.45 0.20 38.82
N ILE D 173 14.46 -0.94 38.08
CA ILE D 173 15.26 -2.09 38.45
C ILE D 173 15.97 -2.65 37.22
N VAL D 174 17.31 -2.62 37.27
CA VAL D 174 18.16 -3.18 36.24
C VAL D 174 18.54 -4.60 36.68
N HIS D 175 18.73 -5.48 35.69
CA HIS D 175 19.01 -6.89 35.98
C HIS D 175 20.45 -7.23 35.59
N VAL D 176 21.25 -7.71 36.55
CA VAL D 176 22.63 -8.04 36.23
C VAL D 176 22.67 -9.31 35.38
N THR D 177 21.67 -10.18 35.55
CA THR D 177 21.47 -11.31 34.64
C THR D 177 20.00 -11.36 34.29
N LEU D 178 19.66 -12.24 33.34
CA LEU D 178 18.34 -12.19 32.76
C LEU D 178 17.87 -13.59 32.36
N HIS D 179 17.59 -13.86 31.09
CA HIS D 179 16.91 -15.09 30.74
C HIS D 179 17.93 -16.24 30.69
N GLU D 180 18.30 -16.79 31.85
CA GLU D 180 19.02 -18.03 31.97
C GLU D 180 18.65 -18.64 33.32
N SER D 181 19.15 -19.84 33.57
CA SER D 181 18.86 -20.55 34.80
C SER D 181 19.54 -19.77 35.91
N VAL D 182 18.97 -19.94 37.10
CA VAL D 182 19.51 -19.38 38.33
C VAL D 182 20.96 -19.83 38.47
N ARG D 183 21.26 -21.12 38.27
CA ARG D 183 22.59 -21.67 38.49
C ARG D 183 23.53 -21.00 37.49
N SER D 184 23.14 -20.97 36.21
CA SER D 184 23.92 -20.37 35.14
C SER D 184 24.18 -18.89 35.45
N ALA D 185 23.14 -18.17 35.90
CA ALA D 185 23.27 -16.76 36.30
C ALA D 185 24.28 -16.63 37.45
N LEU D 186 24.20 -17.52 38.46
CA LEU D 186 25.11 -17.46 39.59
C LEU D 186 26.54 -17.68 39.12
N GLU D 187 26.72 -18.57 38.14
CA GLU D 187 28.04 -18.91 37.63
C GLU D 187 28.64 -17.72 36.88
N ARG D 188 27.78 -16.84 36.37
CA ARG D 188 28.19 -15.71 35.54
C ARG D 188 28.56 -14.51 36.42
N LEU D 189 27.94 -14.40 37.59
CA LEU D 189 28.06 -13.20 38.40
C LEU D 189 29.52 -12.97 38.79
N SER D 190 29.98 -11.73 38.63
CA SER D 190 31.29 -11.30 39.07
C SER D 190 31.18 -9.85 39.53
N PRO D 191 32.12 -9.34 40.34
CA PRO D 191 32.11 -7.93 40.72
C PRO D 191 32.00 -7.03 39.48
N GLN D 192 32.76 -7.36 38.42
CA GLN D 192 32.76 -6.55 37.21
C GLN D 192 31.41 -6.57 36.49
N LEU D 193 30.67 -7.68 36.54
CA LEU D 193 29.41 -7.75 35.82
C LEU D 193 28.37 -6.85 36.52
N VAL D 194 28.41 -6.85 37.85
CA VAL D 194 27.53 -6.00 38.64
C VAL D 194 27.83 -4.53 38.33
N ILE D 195 29.12 -4.20 38.21
CA ILE D 195 29.57 -2.85 37.98
C ILE D 195 29.08 -2.39 36.60
N ASN D 196 29.16 -3.27 35.60
CA ASN D 196 28.72 -2.92 34.25
C ASN D 196 27.23 -2.58 34.26
N ALA D 197 26.46 -3.37 35.02
CA ALA D 197 25.01 -3.21 35.07
C ALA D 197 24.70 -1.85 35.68
N VAL D 198 25.41 -1.50 36.76
CA VAL D 198 25.13 -0.26 37.47
C VAL D 198 25.50 0.93 36.59
N ASP D 199 26.72 0.94 36.04
CA ASP D 199 27.16 1.97 35.12
C ASP D 199 26.13 2.20 34.03
N ALA D 200 25.72 1.14 33.33
CA ALA D 200 24.77 1.24 32.23
C ALA D 200 23.44 1.82 32.73
N ALA D 201 23.02 1.39 33.93
CA ALA D 201 21.74 1.80 34.48
C ALA D 201 21.80 3.23 34.99
N VAL D 202 22.97 3.66 35.50
CA VAL D 202 23.15 5.02 35.97
C VAL D 202 23.08 5.99 34.81
N GLN D 203 23.80 5.70 33.70
CA GLN D 203 23.67 6.47 32.47
C GLN D 203 22.19 6.55 32.06
N THR D 204 21.48 5.42 32.08
CA THR D 204 20.09 5.37 31.69
C THR D 204 19.25 6.25 32.62
N CYS D 205 19.60 6.28 33.91
CA CYS D 205 18.91 7.13 34.89
C CYS D 205 19.05 8.61 34.50
N THR D 206 20.24 9.01 34.03
CA THR D 206 20.47 10.38 33.59
C THR D 206 19.46 10.72 32.49
N LEU D 207 19.32 9.79 31.53
CA LEU D 207 18.40 9.99 30.43
C LEU D 207 16.98 10.20 30.97
N LEU D 208 16.59 9.39 31.97
CA LEU D 208 15.22 9.35 32.47
C LEU D 208 14.98 10.55 33.39
N GLY D 209 16.01 11.38 33.60
CA GLY D 209 15.88 12.66 34.30
C GLY D 209 16.21 12.59 35.79
N VAL D 210 17.11 11.68 36.18
CA VAL D 210 17.59 11.53 37.53
C VAL D 210 19.13 11.49 37.49
N PRO D 211 19.81 12.66 37.48
CA PRO D 211 21.26 12.69 37.26
C PRO D 211 22.05 11.98 38.35
N LYS D 212 21.59 12.12 39.60
CA LYS D 212 22.35 11.66 40.76
C LYS D 212 21.46 10.68 41.55
N PRO D 213 21.29 9.44 41.06
CA PRO D 213 20.35 8.51 41.70
C PRO D 213 20.91 7.87 42.96
N GLN D 214 20.01 7.56 43.90
CA GLN D 214 20.31 6.76 45.08
C GLN D 214 20.05 5.29 44.75
N VAL D 215 21.13 4.47 44.79
CA VAL D 215 21.16 3.13 44.26
C VAL D 215 21.16 2.12 45.40
N ALA D 216 20.37 1.05 45.24
CA ALA D 216 20.37 -0.09 46.16
C ALA D 216 20.69 -1.36 45.37
N VAL D 217 21.68 -2.10 45.88
CA VAL D 217 22.06 -3.35 45.26
C VAL D 217 21.41 -4.50 46.03
N PHE D 218 20.68 -5.36 45.31
CA PHE D 218 20.12 -6.58 45.90
C PHE D 218 21.22 -7.57 46.24
N GLY D 219 20.98 -8.36 47.30
CA GLY D 219 21.84 -9.48 47.63
C GLY D 219 21.57 -10.67 46.73
N ILE D 220 22.63 -11.40 46.40
CA ILE D 220 22.52 -12.65 45.67
C ILE D 220 21.74 -13.64 46.53
N ASN D 221 22.21 -13.80 47.77
CA ASN D 221 21.63 -14.73 48.72
C ASN D 221 20.63 -14.02 49.61
N PRO D 222 19.68 -14.75 50.25
CA PRO D 222 18.75 -14.13 51.17
C PRO D 222 19.50 -13.29 52.21
N HIS D 223 18.94 -12.10 52.54
CA HIS D 223 19.51 -11.19 53.50
C HIS D 223 20.95 -10.88 53.07
N ALA D 224 21.19 -10.88 51.76
CA ALA D 224 22.52 -10.54 51.24
C ALA D 224 23.58 -11.39 51.93
N SER D 225 23.28 -12.68 52.11
CA SER D 225 24.19 -13.67 52.69
C SER D 225 24.25 -13.58 54.20
N GLU D 226 23.80 -12.46 54.80
CA GLU D 226 23.80 -12.24 56.23
C GLU D 226 25.22 -12.40 56.75
N GLY D 227 26.10 -11.47 56.33
CA GLY D 227 27.54 -11.66 56.49
C GLY D 227 28.04 -12.68 55.48
N GLN D 228 28.26 -13.92 55.95
CA GLN D 228 28.59 -15.05 55.09
C GLN D 228 27.83 -16.30 55.55
N LEU D 229 26.76 -16.09 56.33
CA LEU D 229 26.03 -17.17 56.98
C LEU D 229 25.26 -17.98 55.93
N PHE D 230 24.80 -17.30 54.86
CA PHE D 230 23.99 -17.95 53.85
C PHE D 230 24.71 -17.90 52.50
N GLY D 231 25.99 -18.30 52.50
CA GLY D 231 26.80 -18.33 51.29
C GLY D 231 27.88 -17.26 51.27
N LEU D 232 28.82 -17.43 50.35
CA LEU D 232 29.99 -16.58 50.21
C LEU D 232 29.78 -15.62 49.07
N GLU D 233 28.78 -15.87 48.23
CA GLU D 233 28.64 -15.12 46.99
C GLU D 233 28.64 -13.62 47.23
N ASP D 234 27.86 -13.14 48.19
CA ASP D 234 27.76 -11.68 48.40
C ASP D 234 29.10 -11.10 48.81
N SER D 235 29.81 -11.73 49.74
CA SER D 235 31.12 -11.25 50.14
C SER D 235 32.12 -11.30 48.96
N GLN D 236 31.86 -12.14 47.96
CA GLN D 236 32.78 -12.27 46.84
C GLN D 236 32.42 -11.32 45.70
N ILE D 237 31.14 -10.91 45.62
CA ILE D 237 30.60 -10.32 44.40
C ILE D 237 29.98 -8.95 44.66
N THR D 238 28.94 -8.87 45.49
CA THR D 238 28.17 -7.65 45.60
C THR D 238 28.87 -6.66 46.54
N VAL D 239 29.52 -7.18 47.59
CA VAL D 239 30.22 -6.35 48.55
C VAL D 239 31.41 -5.66 47.88
N PRO D 240 32.33 -6.36 47.18
CA PRO D 240 33.41 -5.67 46.49
C PRO D 240 32.88 -4.65 45.48
N ALA D 241 31.85 -5.02 44.72
CA ALA D 241 31.31 -4.18 43.65
C ALA D 241 30.75 -2.88 44.22
N VAL D 242 30.03 -2.95 45.34
CA VAL D 242 29.50 -1.77 46.01
C VAL D 242 30.66 -0.88 46.42
N GLU D 243 31.72 -1.47 47.00
CA GLU D 243 32.88 -0.71 47.43
C GLU D 243 33.49 0.04 46.25
N THR D 244 33.67 -0.63 45.10
CA THR D 244 34.28 0.00 43.94
C THR D 244 33.44 1.18 43.46
N LEU D 245 32.11 1.01 43.54
CA LEU D 245 31.17 2.00 43.04
C LEU D 245 31.14 3.24 43.95
N ARG D 246 31.17 3.02 45.28
CA ARG D 246 31.28 4.13 46.22
C ARG D 246 32.57 4.90 45.95
N LYS D 247 33.68 4.16 45.78
CA LYS D 247 34.99 4.74 45.55
C LYS D 247 34.94 5.63 44.30
N ARG D 248 34.24 5.19 43.24
CA ARG D 248 34.11 5.98 42.03
C ARG D 248 33.16 7.17 42.23
N GLY D 249 32.45 7.21 43.37
CA GLY D 249 31.72 8.40 43.77
C GLY D 249 30.20 8.26 43.67
N LEU D 250 29.69 7.03 43.66
CA LEU D 250 28.27 6.77 43.53
C LEU D 250 27.63 6.62 44.92
N THR D 251 26.33 6.93 45.01
CA THR D 251 25.54 6.80 46.23
C THR D 251 24.84 5.45 46.23
N VAL D 252 25.50 4.43 46.83
CA VAL D 252 25.11 3.03 46.76
C VAL D 252 24.95 2.47 48.17
N ASP D 253 23.77 1.91 48.45
CA ASP D 253 23.57 1.14 49.67
C ASP D 253 23.58 -0.36 49.30
N GLY D 254 24.12 -1.17 50.22
CA GLY D 254 23.94 -2.61 50.13
C GLY D 254 25.25 -3.36 50.00
N PRO D 255 25.22 -4.67 49.63
CA PRO D 255 23.98 -5.36 49.27
C PRO D 255 23.05 -5.59 50.46
N MET D 256 21.77 -5.73 50.16
CA MET D 256 20.72 -5.89 51.16
C MET D 256 19.73 -6.89 50.58
N GLY D 257 19.10 -7.70 51.44
CA GLY D 257 17.99 -8.55 51.02
C GLY D 257 17.00 -7.76 50.18
N ALA D 258 16.72 -8.24 48.97
CA ALA D 258 15.92 -7.53 47.99
C ALA D 258 14.55 -7.19 48.58
N ASP D 259 13.98 -8.14 49.31
CA ASP D 259 12.68 -8.02 49.94
C ASP D 259 12.68 -6.81 50.89
N MET D 260 13.82 -6.61 51.57
CA MET D 260 13.91 -5.63 52.63
C MET D 260 14.09 -4.25 52.02
N VAL D 261 14.99 -4.12 51.03
CA VAL D 261 15.36 -2.83 50.47
C VAL D 261 14.24 -2.26 49.59
N LEU D 262 13.52 -3.14 48.87
CA LEU D 262 12.40 -2.70 48.05
C LEU D 262 11.29 -2.14 48.95
N ALA D 263 11.11 -2.75 50.12
CA ALA D 263 10.06 -2.40 51.05
C ALA D 263 10.23 -0.95 51.52
N GLN D 264 11.47 -0.49 51.70
CA GLN D 264 11.81 0.84 52.17
C GLN D 264 11.38 1.90 51.16
N ARG D 265 11.50 1.57 49.87
CA ARG D 265 10.97 2.36 48.78
C ARG D 265 11.56 3.77 48.83
N LYS D 266 12.91 3.86 48.89
CA LYS D 266 13.59 5.15 49.02
C LYS D 266 14.83 5.23 48.12
N HIS D 267 14.83 4.47 47.03
CA HIS D 267 15.95 4.47 46.10
C HIS D 267 15.45 4.76 44.69
N ASP D 268 16.31 5.30 43.83
CA ASP D 268 15.88 5.67 42.49
C ASP D 268 16.15 4.55 41.51
N LEU D 269 17.06 3.64 41.90
CA LEU D 269 17.49 2.53 41.05
C LEU D 269 17.84 1.34 41.93
N TYR D 270 17.22 0.19 41.61
CA TYR D 270 17.59 -1.04 42.29
C TYR D 270 18.36 -1.91 41.30
N VAL D 271 19.32 -2.68 41.83
CA VAL D 271 20.12 -3.55 40.99
C VAL D 271 19.79 -4.99 41.38
N ALA D 272 19.13 -5.72 40.47
CA ALA D 272 18.67 -7.05 40.82
C ALA D 272 19.65 -8.08 40.27
N MET D 273 19.96 -9.09 41.07
CA MET D 273 20.93 -10.08 40.65
C MET D 273 20.29 -11.05 39.66
N LEU D 274 19.00 -11.37 39.89
CA LEU D 274 18.31 -12.40 39.15
C LEU D 274 16.99 -11.85 38.62
N HIS D 275 16.60 -12.37 37.45
CA HIS D 275 15.35 -12.05 36.78
C HIS D 275 14.23 -11.90 37.81
N ASP D 276 13.96 -12.96 38.57
CA ASP D 276 12.76 -12.99 39.38
C ASP D 276 12.76 -11.84 40.41
N GLN D 277 13.95 -11.52 40.94
CA GLN D 277 14.05 -10.50 41.96
C GLN D 277 13.44 -9.20 41.45
N GLY D 278 13.74 -8.84 40.20
CA GLY D 278 13.30 -7.57 39.66
C GLY D 278 11.89 -7.63 39.07
N HIS D 279 11.51 -8.79 38.55
CA HIS D 279 10.33 -8.91 37.70
C HIS D 279 9.06 -8.98 38.55
N ILE D 280 9.16 -9.66 39.70
CA ILE D 280 8.03 -9.83 40.60
C ILE D 280 7.53 -8.46 41.08
N PRO D 281 8.37 -7.58 41.67
CA PRO D 281 7.93 -6.27 42.14
C PRO D 281 7.24 -5.46 41.04
N ILE D 282 7.89 -5.38 39.88
CA ILE D 282 7.40 -4.57 38.78
C ILE D 282 6.02 -5.03 38.35
N LYS D 283 5.85 -6.35 38.18
CA LYS D 283 4.65 -6.87 37.56
C LYS D 283 3.50 -6.86 38.57
N LEU D 284 3.85 -6.94 39.85
CA LEU D 284 2.88 -6.91 40.92
C LEU D 284 2.32 -5.49 41.08
N LEU D 285 3.19 -4.48 41.03
CA LEU D 285 2.83 -3.09 41.30
C LEU D 285 2.38 -2.35 40.05
N ALA D 286 2.86 -2.76 38.87
CA ALA D 286 2.56 -2.02 37.64
C ALA D 286 2.13 -2.98 36.55
N PRO D 287 1.03 -3.76 36.75
CA PRO D 287 0.74 -4.89 35.86
C PRO D 287 0.28 -4.47 34.47
N ASN D 288 -0.04 -3.18 34.29
CA ASN D 288 -0.69 -2.76 33.07
C ASN D 288 0.06 -1.61 32.41
N GLY D 289 1.22 -1.18 32.95
CA GLY D 289 1.79 0.06 32.46
C GLY D 289 3.29 0.23 32.63
N ALA D 290 4.04 -0.88 32.72
CA ALA D 290 5.48 -0.86 32.90
C ALA D 290 6.23 -0.68 31.58
N SER D 291 7.44 -0.10 31.64
CA SER D 291 8.30 -0.01 30.47
C SER D 291 9.48 -0.97 30.63
N ALA D 292 9.86 -1.67 29.55
CA ALA D 292 11.03 -2.53 29.51
C ALA D 292 12.14 -1.91 28.65
N LEU D 293 13.22 -1.43 29.30
CA LEU D 293 14.29 -0.73 28.59
C LEU D 293 15.49 -1.65 28.42
N SER D 294 15.90 -1.82 27.15
CA SER D 294 17.12 -2.54 26.84
C SER D 294 18.26 -1.53 26.74
N ILE D 295 19.34 -1.75 27.50
CA ILE D 295 20.42 -0.79 27.60
C ILE D 295 21.71 -1.46 27.15
N GLY D 296 22.37 -0.90 26.13
CA GLY D 296 23.67 -1.38 25.70
C GLY D 296 24.44 -0.33 24.90
N GLY D 297 25.76 -0.27 25.12
CA GLY D 297 26.55 0.86 24.68
C GLY D 297 25.88 2.15 25.13
N ARG D 298 25.61 3.03 24.15
CA ARG D 298 24.93 4.29 24.44
C ARG D 298 23.44 4.16 24.15
N VAL D 299 22.97 2.98 23.76
CA VAL D 299 21.63 2.81 23.22
C VAL D 299 20.66 2.42 24.34
N VAL D 300 19.55 3.17 24.43
CA VAL D 300 18.43 2.78 25.28
C VAL D 300 17.25 2.50 24.36
N LEU D 301 16.78 1.25 24.29
CA LEU D 301 15.63 0.87 23.49
C LEU D 301 14.47 0.46 24.40
N SER D 302 13.31 1.08 24.21
CA SER D 302 12.12 0.67 24.91
C SER D 302 11.03 0.23 23.92
N SER D 303 10.20 -0.74 24.30
CA SER D 303 9.01 -1.02 23.52
C SER D 303 7.86 -0.19 24.07
N VAL D 304 6.66 -0.44 23.55
CA VAL D 304 5.43 0.21 23.89
C VAL D 304 4.66 -0.66 24.88
N GLY D 305 5.10 -1.91 25.07
CA GLY D 305 4.51 -2.80 26.06
C GLY D 305 3.25 -3.49 25.59
N HIS D 306 2.88 -3.35 24.30
CA HIS D 306 1.66 -3.99 23.82
C HIS D 306 1.89 -4.54 22.40
N GLY D 307 1.03 -5.46 21.97
CA GLY D 307 1.17 -6.19 20.73
C GLY D 307 0.65 -5.37 19.53
N SER D 308 0.68 -6.02 18.36
CA SER D 308 0.54 -5.31 17.10
C SER D 308 -0.92 -5.17 16.73
N ALA D 309 -1.79 -5.87 17.48
CA ALA D 309 -3.23 -5.79 17.32
C ALA D 309 -3.69 -5.88 15.86
N MET D 310 -3.36 -7.00 15.21
CA MET D 310 -3.60 -7.18 13.80
C MET D 310 -5.08 -7.00 13.42
N ASP D 311 -6.00 -7.41 14.30
CA ASP D 311 -7.40 -7.45 13.87
C ASP D 311 -8.01 -6.05 13.79
N ILE D 312 -7.34 -5.04 14.39
CA ILE D 312 -7.86 -3.68 14.41
C ILE D 312 -6.96 -2.73 13.63
N ALA D 313 -5.99 -3.29 12.89
CA ALA D 313 -5.08 -2.48 12.14
C ALA D 313 -5.81 -1.80 10.98
N GLY D 314 -5.73 -0.47 10.95
CA GLY D 314 -6.43 0.36 9.98
C GLY D 314 -7.89 0.58 10.32
N ARG D 315 -8.31 0.16 11.52
CA ARG D 315 -9.73 0.17 11.86
C ARG D 315 -10.00 1.32 12.83
N GLY D 316 -8.96 2.10 13.14
CA GLY D 316 -9.08 3.38 13.83
C GLY D 316 -9.48 3.21 15.28
N VAL D 317 -9.09 2.09 15.92
CA VAL D 317 -9.50 1.86 17.30
C VAL D 317 -8.33 1.91 18.28
N ALA D 318 -7.10 2.04 17.76
CA ALA D 318 -5.95 2.03 18.65
C ALA D 318 -5.56 3.47 18.97
N ASP D 319 -5.30 3.75 20.25
CA ASP D 319 -4.83 5.07 20.67
C ASP D 319 -3.37 4.90 21.11
N ALA D 320 -2.73 6.06 21.27
CA ALA D 320 -1.27 6.12 21.30
C ALA D 320 -0.77 6.32 22.73
N THR D 321 -1.65 6.17 23.72
CA THR D 321 -1.37 6.45 25.12
C THR D 321 -0.07 5.76 25.58
N ALA D 322 0.03 4.45 25.33
CA ALA D 322 1.19 3.70 25.81
C ALA D 322 2.47 4.19 25.12
N LEU D 323 2.39 4.48 23.81
CA LEU D 323 3.51 5.06 23.09
C LEU D 323 3.86 6.44 23.67
N LEU D 324 2.86 7.31 23.87
CA LEU D 324 3.12 8.64 24.39
C LEU D 324 3.82 8.54 25.73
N ARG D 325 3.41 7.58 26.58
CA ARG D 325 3.98 7.45 27.91
C ARG D 325 5.44 7.02 27.80
N THR D 326 5.75 6.19 26.78
CA THR D 326 7.07 5.65 26.55
C THR D 326 7.98 6.79 26.09
N ILE D 327 7.42 7.64 25.24
CA ILE D 327 8.08 8.86 24.79
C ILE D 327 8.37 9.77 25.99
N ALA D 328 7.36 10.03 26.83
CA ALA D 328 7.52 10.83 28.04
C ALA D 328 8.65 10.30 28.92
N LEU D 329 8.76 8.96 29.00
CA LEU D 329 9.73 8.29 29.86
C LEU D 329 11.16 8.51 29.34
N LEU D 330 11.40 8.12 28.09
CA LEU D 330 12.73 8.27 27.50
C LEU D 330 13.01 9.74 27.14
N GLY D 331 11.99 10.60 27.15
CA GLY D 331 12.16 11.94 26.63
C GLY D 331 12.27 12.99 27.73
N ALA D 332 12.52 12.58 28.97
CA ALA D 332 12.39 13.45 30.15
C ALA D 332 13.52 14.47 30.22
N GLN D 333 13.26 15.58 30.95
CA GLN D 333 14.22 16.67 31.02
C GLN D 333 15.34 16.30 31.98
N PRO D 334 16.62 16.63 31.67
CA PRO D 334 17.70 16.48 32.64
C PRO D 334 17.40 17.30 33.91
#